data_3OU8
#
_entry.id   3OU8
#
_cell.length_a   44.424
_cell.length_b   74.016
_cell.length_c   177.874
_cell.angle_alpha   90.00
_cell.angle_beta   90.00
_cell.angle_gamma   90.00
#
_symmetry.space_group_name_H-M   'P 21 21 21'
#
loop_
_entity.id
_entity.type
_entity.pdbx_description
1 polymer 'Adenosine deaminase'
2 non-polymer 'ZINC ION'
3 water water
#
_entity_poly.entity_id   1
_entity_poly.type   'polypeptide(L)'
_entity_poly.pdbx_seq_one_letter_code
;(MSE)SLYEWLNALPKAELHLHLEGTLEPELLFALAERNRIALPWNDVETLRKAYAFNNLQEFLDLYYAGADVLRTEQDF
YDLTWAYLQKCKAQNVVHVEPFFDPQTHTDRGIPFEVVLAGIRAALRDGEKLLGIRHGLILSFLRHLSEEQAQKTLDQAL
PFRDAFIAVGLDSSEVGHPPSKFQRVFDRARSEGFLTVAHAGEEGPPEYIWEALDLLKVERIDHGVRAFEDERL(MSE)R
RLIDEQIPLTVCPLSNTKLCVFDD(MSE)SQHTILD(MSE)LERGVKVTVNSDDPAYFGGYVTENFHALQQSLG(MSE)T
EEQARRLAQNSLDARLVKEGHHHHHH
;
_entity_poly.pdbx_strand_id   A,B
#
loop_
_chem_comp.id
_chem_comp.type
_chem_comp.name
_chem_comp.formula
ZN non-polymer 'ZINC ION' 'Zn 2'
#
# COMPACT_ATOMS: atom_id res chain seq x y z
N TYR A 4 -33.25 -11.19 -14.56
CA TYR A 4 -32.45 -10.40 -13.62
C TYR A 4 -31.61 -11.29 -12.71
N GLU A 5 -32.26 -12.20 -11.98
CA GLU A 5 -31.58 -13.08 -11.03
C GLU A 5 -30.37 -13.76 -11.67
N TRP A 6 -30.58 -14.26 -12.88
CA TRP A 6 -29.51 -14.94 -13.62
C TRP A 6 -28.35 -14.00 -13.85
N LEU A 7 -28.67 -12.79 -14.32
CA LEU A 7 -27.67 -11.74 -14.49
C LEU A 7 -27.00 -11.40 -13.17
N ASN A 8 -27.79 -11.42 -12.10
CA ASN A 8 -27.28 -11.01 -10.80
C ASN A 8 -26.31 -12.04 -10.25
N ALA A 9 -26.43 -13.28 -10.72
CA ALA A 9 -25.64 -14.38 -10.16
C ALA A 9 -24.30 -14.54 -10.87
N LEU A 10 -24.16 -13.87 -12.01
CA LEU A 10 -22.87 -13.85 -12.71
C LEU A 10 -21.78 -13.25 -11.84
N PRO A 11 -20.61 -13.90 -11.80
CA PRO A 11 -19.43 -13.30 -11.19
C PRO A 11 -18.99 -12.08 -12.01
N LYS A 12 -18.82 -10.94 -11.34
CA LYS A 12 -18.47 -9.71 -12.05
C LYS A 12 -17.33 -8.97 -11.38
N ALA A 13 -16.69 -8.10 -12.16
CA ALA A 13 -15.74 -7.14 -11.64
C ALA A 13 -16.26 -5.78 -12.04
N GLU A 14 -16.25 -4.82 -11.11
CA GLU A 14 -16.58 -3.46 -11.49
C GLU A 14 -15.33 -2.60 -11.50
N LEU A 15 -15.06 -1.98 -12.66
CA LEU A 15 -13.82 -1.25 -12.89
C LEU A 15 -14.06 0.23 -13.19
N HIS A 16 -15.32 0.61 -13.33
CA HIS A 16 -15.67 2.00 -13.54
C HIS A 16 -16.77 2.39 -12.56
N LEU A 17 -16.37 2.89 -11.41
CA LEU A 17 -17.33 3.18 -10.34
C LEU A 17 -16.78 4.26 -9.41
N HIS A 18 -17.51 5.36 -9.27
CA HIS A 18 -17.11 6.43 -8.36
C HIS A 18 -17.78 6.25 -7.00
N LEU A 19 -16.98 6.11 -5.96
CA LEU A 19 -17.53 5.89 -4.62
C LEU A 19 -18.53 7.01 -4.27
N GLU A 20 -18.15 8.26 -4.55
CA GLU A 20 -19.04 9.39 -4.32
C GLU A 20 -20.37 9.23 -5.07
N GLY A 21 -20.32 8.53 -6.20
CA GLY A 21 -21.50 8.30 -7.01
C GLY A 21 -22.38 7.16 -6.51
N THR A 22 -21.97 6.52 -5.41
CA THR A 22 -22.81 5.52 -4.77
C THR A 22 -23.61 6.12 -3.62
N LEU A 23 -23.56 7.44 -3.49
CA LEU A 23 -24.19 8.15 -2.39
C LEU A 23 -25.70 8.19 -2.53
N GLU A 24 -26.37 7.19 -1.97
CA GLU A 24 -27.83 7.10 -2.08
C GLU A 24 -28.48 8.28 -1.41
N PRO A 25 -29.59 8.76 -1.96
CA PRO A 25 -30.35 9.85 -1.33
C PRO A 25 -30.58 9.57 0.15
N GLU A 26 -30.98 8.33 0.48
CA GLU A 26 -31.18 7.95 1.86
C GLU A 26 -29.95 8.18 2.73
N LEU A 27 -28.80 7.72 2.26
CA LEU A 27 -27.58 7.88 3.04
C LEU A 27 -27.22 9.36 3.19
N LEU A 28 -27.30 10.08 2.07
CA LEU A 28 -26.97 11.50 2.09
C LEU A 28 -27.71 12.22 3.22
N PHE A 29 -29.01 11.96 3.35
CA PHE A 29 -29.83 12.61 4.37
C PHE A 29 -29.39 12.23 5.79
N ALA A 30 -29.08 10.95 5.99
CA ALA A 30 -28.69 10.45 7.30
C ALA A 30 -27.31 10.96 7.70
N LEU A 31 -26.42 11.12 6.72
CA LEU A 31 -25.12 11.72 6.98
C LEU A 31 -25.24 13.22 7.27
N ALA A 32 -26.10 13.90 6.53
CA ALA A 32 -26.42 15.29 6.86
C ALA A 32 -26.98 15.43 8.27
N GLU A 33 -27.76 14.44 8.70
CA GLU A 33 -28.33 14.48 10.04
C GLU A 33 -27.25 14.27 11.10
N ARG A 34 -26.41 13.27 10.89
CA ARG A 34 -25.30 12.99 11.80
C ARG A 34 -24.29 14.14 11.87
N ASN A 35 -24.13 14.86 10.76
CA ASN A 35 -23.22 15.99 10.71
C ASN A 35 -23.91 17.34 11.00
N ARG A 36 -25.21 17.29 11.32
CA ARG A 36 -25.97 18.50 11.66
C ARG A 36 -25.99 19.52 10.53
N ILE A 37 -26.11 19.03 9.30
CA ILE A 37 -26.14 19.87 8.12
C ILE A 37 -27.56 20.09 7.62
N ALA A 38 -27.94 21.34 7.42
CA ALA A 38 -29.23 21.63 6.81
C ALA A 38 -29.14 21.57 5.30
N LEU A 39 -29.83 20.60 4.71
CA LEU A 39 -29.79 20.43 3.26
C LEU A 39 -30.68 21.40 2.49
N PRO A 40 -30.26 21.75 1.26
CA PRO A 40 -31.03 22.60 0.36
C PRO A 40 -32.28 21.84 -0.07
N TRP A 41 -32.21 20.51 0.01
CA TRP A 41 -33.33 19.66 -0.35
C TRP A 41 -34.26 19.40 0.82
N ASN A 42 -35.55 19.46 0.54
CA ASN A 42 -36.57 19.35 1.57
C ASN A 42 -36.74 17.93 2.10
N ASP A 43 -36.68 16.95 1.20
CA ASP A 43 -36.75 15.53 1.59
C ASP A 43 -36.02 14.63 0.58
N VAL A 44 -35.91 13.35 0.92
CA VAL A 44 -35.15 12.41 0.10
C VAL A 44 -35.72 12.43 -1.30
N GLU A 45 -37.04 12.43 -1.37
CA GLU A 45 -37.73 12.32 -2.63
C GLU A 45 -37.49 13.51 -3.56
N THR A 46 -37.34 14.69 -2.97
CA THR A 46 -37.01 15.89 -3.75
C THR A 46 -35.57 15.80 -4.32
N LEU A 47 -34.66 15.22 -3.56
CA LEU A 47 -33.30 15.01 -4.03
C LEU A 47 -33.32 14.03 -5.20
N ARG A 48 -34.04 12.92 -5.03
CA ARG A 48 -34.10 11.89 -6.07
C ARG A 48 -34.72 12.44 -7.35
N LYS A 49 -35.79 13.21 -7.21
CA LYS A 49 -36.45 13.80 -8.37
C LYS A 49 -35.47 14.70 -9.14
N ALA A 50 -34.51 15.27 -8.44
CA ALA A 50 -33.51 16.13 -9.08
C ALA A 50 -32.44 15.34 -9.84
N TYR A 51 -32.53 14.01 -9.82
CA TYR A 51 -31.59 13.20 -10.57
C TYR A 51 -31.99 13.08 -12.03
N ALA A 52 -32.16 14.22 -12.70
CA ALA A 52 -32.53 14.25 -14.10
C ALA A 52 -31.57 15.19 -14.83
N PHE A 53 -30.83 14.64 -15.79
CA PHE A 53 -29.72 15.38 -16.37
C PHE A 53 -29.82 15.49 -17.89
N ASN A 54 -29.40 16.64 -18.42
CA ASN A 54 -29.38 16.88 -19.86
C ASN A 54 -27.98 16.66 -20.44
N ASN A 55 -27.00 16.48 -19.57
CA ASN A 55 -25.61 16.32 -19.98
C ASN A 55 -24.71 16.04 -18.78
N LEU A 56 -23.43 15.79 -19.06
CA LEU A 56 -22.44 15.52 -18.02
C LEU A 56 -22.36 16.62 -16.95
N GLN A 57 -22.43 17.88 -17.34
CA GLN A 57 -22.21 18.95 -16.37
C GLN A 57 -23.36 19.11 -15.38
N GLU A 58 -24.60 18.99 -15.85
CA GLU A 58 -25.73 19.08 -14.94
C GLU A 58 -25.60 18.03 -13.85
N PHE A 59 -25.09 16.86 -14.21
CA PHE A 59 -24.91 15.79 -13.24
C PHE A 59 -23.78 16.13 -12.28
N LEU A 60 -22.62 16.47 -12.84
CA LEU A 60 -21.47 16.84 -12.03
C LEU A 60 -21.84 17.90 -11.00
N ASP A 61 -22.50 18.96 -11.44
CA ASP A 61 -22.83 20.05 -10.52
C ASP A 61 -23.49 19.49 -9.26
N LEU A 62 -24.39 18.54 -9.44
CA LEU A 62 -25.17 17.98 -8.34
C LEU A 62 -24.37 16.92 -7.58
N TYR A 63 -23.63 16.12 -8.34
CA TYR A 63 -22.68 15.17 -7.82
C TYR A 63 -21.73 15.82 -6.79
N TYR A 64 -21.15 16.97 -7.15
CA TYR A 64 -20.25 17.68 -6.25
C TYR A 64 -20.97 18.29 -5.05
N ALA A 65 -22.18 18.78 -5.28
CA ALA A 65 -23.00 19.33 -4.20
C ALA A 65 -23.27 18.26 -3.15
N GLY A 66 -23.43 17.02 -3.60
CA GLY A 66 -23.72 15.92 -2.68
C GLY A 66 -22.58 15.58 -1.75
N ALA A 67 -21.36 15.91 -2.15
CA ALA A 67 -20.17 15.55 -1.38
C ALA A 67 -20.08 16.26 -0.03
N ASP A 68 -20.83 17.35 0.13
CA ASP A 68 -20.81 18.13 1.38
C ASP A 68 -21.00 17.30 2.64
N VAL A 69 -21.86 16.29 2.58
CA VAL A 69 -22.19 15.51 3.78
C VAL A 69 -21.06 14.57 4.17
N LEU A 70 -20.09 14.42 3.28
CA LEU A 70 -18.94 13.55 3.56
C LEU A 70 -17.90 14.35 4.32
N ARG A 71 -17.81 14.12 5.62
CA ARG A 71 -16.91 14.94 6.42
C ARG A 71 -16.03 14.16 7.38
N THR A 72 -16.48 13.00 7.83
CA THR A 72 -15.70 12.26 8.79
C THR A 72 -15.24 10.94 8.20
N GLU A 73 -14.20 10.36 8.80
CA GLU A 73 -13.76 9.03 8.43
C GLU A 73 -14.92 8.04 8.43
N GLN A 74 -15.82 8.15 9.40
CA GLN A 74 -16.95 7.23 9.48
C GLN A 74 -17.92 7.44 8.31
N ASP A 75 -18.03 8.68 7.84
CA ASP A 75 -18.79 9.00 6.64
C ASP A 75 -18.25 8.25 5.42
N PHE A 76 -16.94 8.31 5.22
CA PHE A 76 -16.33 7.63 4.09
C PHE A 76 -16.39 6.11 4.23
N TYR A 77 -16.38 5.62 5.47
CA TYR A 77 -16.52 4.18 5.70
C TYR A 77 -17.93 3.73 5.37
N ASP A 78 -18.90 4.46 5.90
CA ASP A 78 -20.29 4.17 5.61
C ASP A 78 -20.54 4.14 4.11
N LEU A 79 -20.04 5.15 3.41
CA LEU A 79 -20.24 5.26 1.97
C LEU A 79 -19.71 4.03 1.24
N THR A 80 -18.45 3.69 1.53
CA THR A 80 -17.77 2.59 0.85
C THR A 80 -18.31 1.24 1.29
N TRP A 81 -18.68 1.12 2.56
CA TRP A 81 -19.23 -0.14 3.07
C TRP A 81 -20.62 -0.42 2.49
N ALA A 82 -21.44 0.63 2.34
CA ALA A 82 -22.74 0.47 1.72
C ALA A 82 -22.62 -0.03 0.27
N TYR A 83 -21.68 0.53 -0.48
CA TYR A 83 -21.42 0.07 -1.84
C TYR A 83 -20.89 -1.37 -1.87
N LEU A 84 -19.94 -1.68 -0.99
CA LEU A 84 -19.44 -3.04 -0.92
C LEU A 84 -20.55 -4.06 -0.69
N GLN A 85 -21.51 -3.74 0.18
CA GLN A 85 -22.65 -4.63 0.40
C GLN A 85 -23.52 -4.79 -0.86
N LYS A 86 -23.64 -3.72 -1.64
CA LYS A 86 -24.29 -3.83 -2.94
C LYS A 86 -23.54 -4.84 -3.79
N CYS A 87 -22.22 -4.80 -3.77
CA CYS A 87 -21.42 -5.73 -4.56
C CYS A 87 -21.66 -7.17 -4.12
N LYS A 88 -21.77 -7.36 -2.81
CA LYS A 88 -22.00 -8.69 -2.27
C LYS A 88 -23.33 -9.22 -2.77
N ALA A 89 -24.35 -8.36 -2.76
CA ALA A 89 -25.67 -8.78 -3.20
C ALA A 89 -25.67 -9.12 -4.69
N GLN A 90 -24.85 -8.43 -5.47
CA GLN A 90 -24.88 -8.58 -6.92
C GLN A 90 -23.72 -9.42 -7.44
N ASN A 91 -23.02 -10.07 -6.52
CA ASN A 91 -21.93 -10.97 -6.86
C ASN A 91 -20.81 -10.31 -7.67
N VAL A 92 -20.54 -9.05 -7.34
CA VAL A 92 -19.33 -8.38 -7.80
C VAL A 92 -18.21 -8.83 -6.88
N VAL A 93 -17.29 -9.64 -7.40
CA VAL A 93 -16.27 -10.26 -6.56
C VAL A 93 -14.99 -9.44 -6.51
N HIS A 94 -14.90 -8.45 -7.37
CA HIS A 94 -13.70 -7.64 -7.48
C HIS A 94 -14.10 -6.22 -7.85
N VAL A 95 -13.55 -5.24 -7.15
CA VAL A 95 -13.84 -3.84 -7.44
C VAL A 95 -12.56 -3.02 -7.58
N GLU A 96 -12.55 -2.10 -8.54
CA GLU A 96 -11.44 -1.17 -8.71
C GLU A 96 -12.03 0.21 -8.88
N PRO A 97 -12.40 0.82 -7.74
CA PRO A 97 -13.26 2.01 -7.71
C PRO A 97 -12.45 3.31 -7.73
N PHE A 98 -13.06 4.37 -8.27
CA PHE A 98 -12.46 5.70 -8.19
C PHE A 98 -12.88 6.37 -6.90
N PHE A 99 -12.07 7.33 -6.46
CA PHE A 99 -12.54 8.40 -5.58
C PHE A 99 -11.90 9.70 -6.06
N ASP A 100 -12.49 10.84 -5.69
CA ASP A 100 -11.99 12.16 -6.08
C ASP A 100 -11.49 12.93 -4.86
N PRO A 101 -10.26 12.62 -4.41
CA PRO A 101 -9.70 13.28 -3.23
C PRO A 101 -9.86 14.80 -3.22
N GLN A 102 -9.74 15.45 -4.38
CA GLN A 102 -9.81 16.91 -4.41
C GLN A 102 -11.18 17.44 -3.98
N THR A 103 -12.23 16.75 -4.38
CA THR A 103 -13.57 17.14 -3.99
C THR A 103 -13.68 17.28 -2.47
N HIS A 104 -12.90 16.49 -1.74
CA HIS A 104 -12.98 16.52 -0.29
C HIS A 104 -11.90 17.38 0.35
N THR A 105 -10.67 17.24 -0.12
CA THR A 105 -9.57 18.00 0.44
C THR A 105 -9.80 19.50 0.24
N ASP A 106 -10.42 19.86 -0.88
CA ASP A 106 -10.71 21.26 -1.16
C ASP A 106 -11.79 21.83 -0.24
N ARG A 107 -12.50 20.96 0.46
CA ARG A 107 -13.54 21.36 1.39
C ARG A 107 -13.00 21.34 2.82
N GLY A 108 -11.70 21.07 2.95
CA GLY A 108 -11.06 21.05 4.26
C GLY A 108 -10.91 19.68 4.90
N ILE A 109 -11.56 18.66 4.35
CA ILE A 109 -11.39 17.31 4.89
C ILE A 109 -9.99 16.81 4.59
N PRO A 110 -9.29 16.32 5.63
CA PRO A 110 -7.89 15.89 5.45
C PRO A 110 -7.81 14.64 4.55
N PHE A 111 -6.75 14.58 3.77
CA PHE A 111 -6.51 13.46 2.87
C PHE A 111 -6.51 12.15 3.66
N GLU A 112 -5.83 12.14 4.79
CA GLU A 112 -5.70 10.93 5.59
C GLU A 112 -7.07 10.39 6.02
N VAL A 113 -8.03 11.30 6.27
CA VAL A 113 -9.36 10.94 6.73
C VAL A 113 -10.20 10.26 5.64
N VAL A 114 -10.21 10.85 4.45
CA VAL A 114 -10.85 10.24 3.29
C VAL A 114 -10.35 8.80 3.09
N LEU A 115 -9.03 8.64 3.01
CA LEU A 115 -8.44 7.33 2.79
C LEU A 115 -8.72 6.35 3.93
N ALA A 116 -8.59 6.81 5.16
CA ALA A 116 -8.85 5.97 6.33
C ALA A 116 -10.20 5.27 6.24
N GLY A 117 -11.25 6.03 5.91
CA GLY A 117 -12.59 5.46 5.83
C GLY A 117 -12.75 4.47 4.69
N ILE A 118 -12.26 4.85 3.51
CA ILE A 118 -12.37 4.00 2.33
C ILE A 118 -11.55 2.72 2.56
N ARG A 119 -10.31 2.92 2.95
CA ARG A 119 -9.39 1.81 3.16
C ARG A 119 -9.96 0.82 4.16
N ALA A 120 -10.43 1.32 5.31
CA ALA A 120 -11.08 0.49 6.31
C ALA A 120 -12.20 -0.36 5.72
N ALA A 121 -13.14 0.29 5.03
CA ALA A 121 -14.22 -0.44 4.37
C ALA A 121 -13.70 -1.52 3.41
N LEU A 122 -12.69 -1.17 2.61
CA LEU A 122 -12.15 -2.10 1.62
C LEU A 122 -11.56 -3.34 2.28
N ARG A 123 -10.96 -3.14 3.46
CA ARG A 123 -10.43 -4.25 4.24
C ARG A 123 -11.55 -5.17 4.68
N ASP A 124 -12.64 -4.56 5.16
CA ASP A 124 -13.83 -5.32 5.53
C ASP A 124 -14.41 -6.08 4.33
N GLY A 125 -14.55 -5.38 3.21
CA GLY A 125 -15.04 -5.99 1.99
C GLY A 125 -14.24 -7.21 1.57
N GLU A 126 -12.94 -7.19 1.83
CA GLU A 126 -12.12 -8.31 1.40
C GLU A 126 -12.07 -9.45 2.42
N LYS A 127 -11.90 -9.13 3.70
CA LYS A 127 -11.83 -10.18 4.70
C LYS A 127 -13.18 -10.78 5.04
N LEU A 128 -14.24 -9.98 4.98
CA LEU A 128 -15.58 -10.47 5.31
C LEU A 128 -16.40 -10.88 4.07
N LEU A 129 -16.30 -10.08 3.01
CA LEU A 129 -17.13 -10.30 1.82
C LEU A 129 -16.44 -11.10 0.70
N GLY A 130 -15.13 -11.27 0.78
CA GLY A 130 -14.37 -11.96 -0.25
C GLY A 130 -14.09 -11.10 -1.49
N ILE A 131 -14.21 -9.79 -1.33
CA ILE A 131 -14.08 -8.86 -2.46
C ILE A 131 -12.71 -8.20 -2.57
N ARG A 132 -11.97 -8.57 -3.62
CA ARG A 132 -10.67 -7.94 -3.91
C ARG A 132 -10.89 -6.53 -4.43
N HIS A 133 -9.91 -5.67 -4.22
CA HIS A 133 -10.07 -4.27 -4.53
C HIS A 133 -8.79 -3.65 -5.07
N GLY A 134 -8.94 -2.72 -5.99
CA GLY A 134 -7.82 -1.92 -6.45
C GLY A 134 -8.22 -0.47 -6.47
N LEU A 135 -7.92 0.26 -5.40
CA LEU A 135 -8.34 1.66 -5.32
C LEU A 135 -7.67 2.51 -6.39
N ILE A 136 -8.47 3.33 -7.06
CA ILE A 136 -7.94 4.26 -8.05
C ILE A 136 -8.20 5.72 -7.64
N LEU A 137 -7.13 6.48 -7.52
CA LEU A 137 -7.21 7.91 -7.22
C LEU A 137 -7.43 8.69 -8.52
N SER A 138 -8.52 9.43 -8.59
CA SER A 138 -8.84 10.19 -9.79
C SER A 138 -8.64 11.69 -9.58
N PHE A 139 -8.05 12.33 -10.58
CA PHE A 139 -7.90 13.78 -10.58
C PHE A 139 -9.10 14.44 -11.23
N LEU A 140 -9.46 15.62 -10.74
CA LEU A 140 -10.54 16.42 -11.33
C LEU A 140 -10.00 17.20 -12.51
N ARG A 141 -10.47 16.86 -13.71
CA ARG A 141 -9.88 17.40 -14.93
C ARG A 141 -10.25 18.86 -15.23
N HIS A 142 -11.26 19.39 -14.54
CA HIS A 142 -11.66 20.77 -14.72
C HIS A 142 -10.78 21.71 -13.92
N LEU A 143 -10.01 21.14 -13.00
CA LEU A 143 -9.06 21.91 -12.21
C LEU A 143 -7.68 21.83 -12.87
N SER A 144 -6.73 22.61 -12.38
CA SER A 144 -5.44 22.70 -13.05
C SER A 144 -4.59 21.47 -12.80
N GLU A 145 -3.62 21.24 -13.68
CA GLU A 145 -2.60 20.23 -13.46
C GLU A 145 -1.88 20.53 -12.14
N GLU A 146 -1.67 21.81 -11.87
CA GLU A 146 -0.99 22.23 -10.64
C GLU A 146 -1.67 21.65 -9.41
N GLN A 147 -3.00 21.81 -9.32
CA GLN A 147 -3.76 21.29 -8.20
C GLN A 147 -3.68 19.77 -8.15
N ALA A 148 -3.63 19.14 -9.33
CA ALA A 148 -3.47 17.70 -9.44
C ALA A 148 -2.10 17.23 -8.96
N GLN A 149 -1.08 18.04 -9.23
CA GLN A 149 0.27 17.77 -8.76
C GLN A 149 0.29 17.79 -7.24
N LYS A 150 -0.34 18.79 -6.66
CA LYS A 150 -0.42 18.91 -5.22
C LYS A 150 -1.11 17.70 -4.61
N THR A 151 -2.16 17.23 -5.28
CA THR A 151 -2.88 16.03 -4.87
C THR A 151 -1.98 14.79 -4.94
N LEU A 152 -1.19 14.69 -6.01
CA LEU A 152 -0.27 13.56 -6.12
C LEU A 152 0.80 13.59 -5.01
N ASP A 153 1.28 14.78 -4.66
CA ASP A 153 2.19 14.92 -3.53
C ASP A 153 1.59 14.38 -2.22
N GLN A 154 0.30 14.61 -2.02
CA GLN A 154 -0.38 14.13 -0.82
C GLN A 154 -0.45 12.61 -0.85
N ALA A 155 -0.57 12.05 -2.04
CA ALA A 155 -0.77 10.61 -2.20
C ALA A 155 0.53 9.80 -2.11
N LEU A 156 1.67 10.43 -2.34
CA LEU A 156 2.94 9.68 -2.38
C LEU A 156 3.22 8.81 -1.14
N PRO A 157 3.10 9.37 0.06
CA PRO A 157 3.30 8.53 1.25
C PRO A 157 2.28 7.39 1.27
N PHE A 158 1.15 7.60 0.60
CA PHE A 158 0.06 6.63 0.59
C PHE A 158 0.08 5.76 -0.66
N ARG A 159 1.08 5.95 -1.51
CA ARG A 159 1.01 5.41 -2.87
C ARG A 159 0.54 3.96 -2.93
N ASP A 160 0.90 3.16 -1.93
CA ASP A 160 0.60 1.73 -2.00
C ASP A 160 -0.89 1.41 -1.81
N ALA A 161 -1.70 2.43 -1.55
CA ALA A 161 -3.14 2.24 -1.39
C ALA A 161 -3.86 2.33 -2.72
N PHE A 162 -3.12 2.76 -3.74
CA PHE A 162 -3.72 2.99 -5.05
C PHE A 162 -3.02 2.15 -6.09
N ILE A 163 -3.80 1.52 -6.96
CA ILE A 163 -3.21 0.75 -8.04
C ILE A 163 -2.99 1.61 -9.28
N ALA A 164 -3.72 2.71 -9.37
CA ALA A 164 -3.61 3.60 -10.52
C ALA A 164 -4.09 5.01 -10.19
N VAL A 165 -3.87 5.93 -11.12
CA VAL A 165 -4.48 7.25 -11.07
C VAL A 165 -5.45 7.38 -12.23
N GLY A 166 -6.53 8.10 -12.01
CA GLY A 166 -7.56 8.25 -13.01
C GLY A 166 -7.80 9.70 -13.34
N LEU A 167 -8.80 9.94 -14.17
CA LEU A 167 -9.02 11.27 -14.68
C LEU A 167 -10.51 11.38 -15.07
N ASP A 168 -11.26 12.12 -14.27
CA ASP A 168 -12.69 12.32 -14.51
C ASP A 168 -13.10 13.80 -14.43
N SER A 169 -14.41 14.03 -14.42
CA SER A 169 -15.00 15.36 -14.41
C SER A 169 -15.19 15.88 -15.83
N SER A 170 -15.59 17.14 -15.96
CA SER A 170 -15.92 17.76 -17.25
C SER A 170 -14.87 17.45 -18.32
N GLU A 171 -15.23 16.61 -19.29
CA GLU A 171 -14.26 16.14 -20.27
C GLU A 171 -13.94 17.18 -21.34
N VAL A 172 -14.97 17.65 -22.02
CA VAL A 172 -14.81 18.55 -23.17
C VAL A 172 -14.11 19.86 -22.80
N GLY A 173 -13.02 20.15 -23.48
CA GLY A 173 -12.28 21.36 -23.20
C GLY A 173 -11.17 21.17 -22.17
N HIS A 174 -11.07 19.94 -21.66
CA HIS A 174 -10.00 19.58 -20.72
C HIS A 174 -9.33 18.28 -21.14
N PRO A 175 -8.68 18.28 -22.30
CA PRO A 175 -8.14 17.03 -22.85
C PRO A 175 -7.06 16.40 -21.95
N PRO A 176 -6.81 15.10 -22.13
CA PRO A 176 -5.81 14.36 -21.35
C PRO A 176 -4.43 15.03 -21.37
N SER A 177 -4.06 15.65 -22.49
CA SER A 177 -2.79 16.34 -22.63
C SER A 177 -2.55 17.36 -21.52
N LYS A 178 -3.64 17.93 -21.02
CA LYS A 178 -3.57 18.90 -19.94
C LYS A 178 -2.94 18.32 -18.67
N PHE A 179 -2.94 16.99 -18.55
CA PHE A 179 -2.49 16.36 -17.32
C PHE A 179 -1.33 15.41 -17.55
N GLN A 180 -0.64 15.59 -18.67
CA GLN A 180 0.41 14.67 -19.05
C GLN A 180 1.58 14.66 -18.08
N ARG A 181 1.94 15.82 -17.54
CA ARG A 181 3.08 15.86 -16.63
C ARG A 181 2.80 15.07 -15.37
N VAL A 182 1.66 15.33 -14.73
CA VAL A 182 1.32 14.66 -13.47
C VAL A 182 1.14 13.15 -13.66
N PHE A 183 0.52 12.76 -14.78
CA PHE A 183 0.41 11.34 -15.10
C PHE A 183 1.79 10.70 -15.29
N ASP A 184 2.66 11.39 -16.03
CA ASP A 184 4.03 10.95 -16.20
C ASP A 184 4.71 10.72 -14.87
N ARG A 185 4.42 11.58 -13.90
CA ARG A 185 5.05 11.49 -12.59
C ARG A 185 4.47 10.35 -11.76
N ALA A 186 3.14 10.21 -11.82
CA ALA A 186 2.47 9.10 -11.17
C ALA A 186 3.02 7.77 -11.68
N ARG A 187 3.20 7.66 -13.00
CA ARG A 187 3.78 6.46 -13.56
C ARG A 187 5.19 6.25 -13.03
N SER A 188 5.97 7.32 -13.08
CA SER A 188 7.32 7.35 -12.55
C SER A 188 7.37 6.92 -11.08
N GLU A 189 6.30 7.22 -10.34
CA GLU A 189 6.25 6.87 -8.92
C GLU A 189 5.57 5.53 -8.67
N GLY A 190 5.30 4.79 -9.75
CA GLY A 190 4.79 3.44 -9.63
C GLY A 190 3.30 3.26 -9.84
N PHE A 191 2.60 4.31 -10.25
CA PHE A 191 1.18 4.21 -10.49
C PHE A 191 0.88 3.71 -11.90
N LEU A 192 -0.08 2.79 -12.04
CA LEU A 192 -0.67 2.52 -13.33
C LEU A 192 -1.59 3.68 -13.68
N THR A 193 -2.13 3.70 -14.90
CA THR A 193 -2.99 4.82 -15.28
C THR A 193 -4.24 4.41 -16.03
N VAL A 194 -5.34 5.11 -15.76
CA VAL A 194 -6.57 4.95 -16.52
C VAL A 194 -7.15 6.34 -16.76
N ALA A 195 -8.19 6.44 -17.60
CA ALA A 195 -8.77 7.74 -17.87
C ALA A 195 -10.14 7.70 -18.55
N HIS A 196 -10.99 8.67 -18.21
CA HIS A 196 -12.23 8.91 -18.93
C HIS A 196 -11.91 9.52 -20.27
N ALA A 197 -12.44 8.93 -21.33
CA ALA A 197 -12.20 9.45 -22.67
C ALA A 197 -13.31 9.02 -23.62
N GLY A 198 -13.77 9.95 -24.47
CA GLY A 198 -14.76 9.65 -25.47
C GLY A 198 -16.14 9.34 -24.91
N GLU A 199 -16.46 9.96 -23.78
CA GLU A 199 -17.82 9.93 -23.25
C GLU A 199 -18.60 11.02 -23.97
N GLU A 200 -18.29 12.26 -23.64
CA GLU A 200 -18.77 13.40 -24.42
C GLU A 200 -17.65 13.92 -25.31
N GLY A 201 -16.42 13.51 -25.00
CA GLY A 201 -15.26 13.99 -25.72
C GLY A 201 -15.00 13.26 -27.02
N PRO A 202 -14.31 13.94 -27.96
CA PRO A 202 -13.98 13.41 -29.27
C PRO A 202 -13.01 12.25 -29.18
N PRO A 203 -13.03 11.35 -30.17
CA PRO A 203 -12.11 10.22 -30.32
C PRO A 203 -10.66 10.65 -30.15
N GLU A 204 -10.35 11.86 -30.57
CA GLU A 204 -9.02 12.44 -30.36
C GLU A 204 -8.56 12.35 -28.91
N TYR A 205 -9.50 12.54 -27.97
CA TYR A 205 -9.18 12.47 -26.56
C TYR A 205 -8.79 11.04 -26.16
N ILE A 206 -9.39 10.06 -26.83
CA ILE A 206 -9.04 8.66 -26.58
C ILE A 206 -7.59 8.39 -27.01
N TRP A 207 -7.21 8.89 -28.17
CA TRP A 207 -5.82 8.75 -28.63
C TRP A 207 -4.85 9.38 -27.64
N GLU A 208 -5.18 10.59 -27.16
CA GLU A 208 -4.36 11.27 -26.17
C GLU A 208 -4.24 10.43 -24.90
N ALA A 209 -5.35 9.85 -24.45
CA ALA A 209 -5.33 9.01 -23.26
C ALA A 209 -4.39 7.83 -23.50
N LEU A 210 -4.53 7.21 -24.66
CA LEU A 210 -3.70 6.07 -25.02
C LEU A 210 -2.21 6.37 -25.05
N ASP A 211 -1.84 7.40 -25.80
CA ASP A 211 -0.42 7.67 -26.04
C ASP A 211 0.24 8.68 -25.11
N LEU A 212 -0.50 9.70 -24.68
CA LEU A 212 0.04 10.68 -23.73
C LEU A 212 0.01 10.20 -22.28
N LEU A 213 -1.18 9.80 -21.82
CA LEU A 213 -1.38 9.35 -20.44
C LEU A 213 -1.05 7.88 -20.28
N LYS A 214 -0.86 7.19 -21.40
CA LYS A 214 -0.40 5.80 -21.42
C LYS A 214 -1.21 4.87 -20.52
N VAL A 215 -2.53 4.97 -20.65
CA VAL A 215 -3.45 4.27 -19.78
C VAL A 215 -3.49 2.76 -20.04
N GLU A 216 -3.94 2.00 -19.04
CA GLU A 216 -4.10 0.55 -19.17
C GLU A 216 -5.49 0.23 -19.69
N ARG A 217 -6.43 1.15 -19.50
CA ARG A 217 -7.77 0.97 -20.02
C ARG A 217 -8.46 2.31 -20.22
N ILE A 218 -9.46 2.33 -21.09
CA ILE A 218 -10.24 3.52 -21.38
C ILE A 218 -11.59 3.49 -20.67
N ASP A 219 -11.88 4.54 -19.91
CA ASP A 219 -13.16 4.66 -19.24
C ASP A 219 -14.17 5.33 -20.19
N HIS A 220 -15.30 4.64 -20.38
CA HIS A 220 -16.31 4.98 -21.39
C HIS A 220 -15.88 4.55 -22.79
N GLY A 221 -15.24 5.46 -23.51
CA GLY A 221 -14.65 5.16 -24.80
C GLY A 221 -15.65 4.91 -25.91
N VAL A 222 -16.92 5.19 -25.65
CA VAL A 222 -17.98 4.91 -26.62
C VAL A 222 -17.86 5.70 -27.93
N ARG A 223 -17.23 6.87 -27.88
CA ARG A 223 -17.13 7.68 -29.08
C ARG A 223 -15.98 7.24 -29.99
N ALA A 224 -15.35 6.13 -29.63
CA ALA A 224 -14.33 5.54 -30.49
C ALA A 224 -15.02 4.90 -31.70
N PHE A 225 -16.34 4.76 -31.59
CA PHE A 225 -17.14 4.12 -32.62
C PHE A 225 -17.22 5.03 -33.82
N GLU A 226 -16.76 6.28 -33.64
CA GLU A 226 -16.75 7.24 -34.73
C GLU A 226 -15.46 7.16 -35.51
N ASP A 227 -14.50 6.42 -34.97
CA ASP A 227 -13.14 6.42 -35.50
C ASP A 227 -12.67 5.01 -35.83
N GLU A 228 -12.78 4.64 -37.10
CA GLU A 228 -12.50 3.29 -37.56
C GLU A 228 -11.08 2.82 -37.28
N ARG A 229 -10.11 3.69 -37.52
CA ARG A 229 -8.73 3.35 -37.30
C ARG A 229 -8.43 3.16 -35.81
N LEU A 230 -9.22 3.82 -34.96
CA LEU A 230 -9.12 3.62 -33.53
C LEU A 230 -9.84 2.34 -33.12
N MSE A 231 -10.99 2.10 -33.74
CA MSE A 231 -11.71 0.85 -33.51
C MSE A 231 -10.76 -0.31 -33.73
O MSE A 231 -10.63 -1.19 -32.89
CB MSE A 231 -12.90 0.72 -34.45
CG MSE A 231 -14.13 1.48 -33.98
SE MSE A 231 -14.67 0.95 -32.16
CE MSE A 231 -15.39 -0.81 -32.53
N ARG A 232 -10.07 -0.27 -34.86
CA ARG A 232 -9.15 -1.34 -35.21
C ARG A 232 -8.04 -1.46 -34.18
N ARG A 233 -7.58 -0.31 -33.67
CA ARG A 233 -6.57 -0.30 -32.62
C ARG A 233 -7.07 -0.94 -31.32
N LEU A 234 -8.27 -0.56 -30.91
CA LEU A 234 -8.90 -1.14 -29.74
C LEU A 234 -8.98 -2.65 -29.90
N ILE A 235 -9.65 -3.06 -30.96
CA ILE A 235 -9.84 -4.47 -31.28
C ILE A 235 -8.52 -5.22 -31.28
N ASP A 236 -7.52 -4.63 -31.92
CA ASP A 236 -6.23 -5.27 -32.09
C ASP A 236 -5.38 -5.35 -30.82
N GLU A 237 -5.39 -4.29 -30.01
CA GLU A 237 -4.59 -4.30 -28.79
C GLU A 237 -5.35 -4.89 -27.60
N GLN A 238 -6.66 -5.01 -27.73
CA GLN A 238 -7.51 -5.59 -26.68
C GLN A 238 -7.49 -4.75 -25.41
N ILE A 239 -7.32 -3.44 -25.59
CA ILE A 239 -7.42 -2.48 -24.50
C ILE A 239 -8.86 -2.42 -24.00
N PRO A 240 -9.05 -2.64 -22.70
CA PRO A 240 -10.41 -2.67 -22.10
C PRO A 240 -11.12 -1.34 -22.17
N LEU A 241 -12.44 -1.38 -22.35
CA LEU A 241 -13.30 -0.21 -22.24
C LEU A 241 -14.31 -0.39 -21.11
N THR A 242 -14.30 0.55 -20.17
CA THR A 242 -15.24 0.49 -19.06
C THR A 242 -16.53 1.24 -19.42
N VAL A 243 -17.40 0.55 -20.13
CA VAL A 243 -18.64 1.12 -20.64
C VAL A 243 -19.72 1.19 -19.54
N CYS A 244 -20.44 2.30 -19.49
CA CYS A 244 -21.48 2.47 -18.49
C CYS A 244 -22.81 2.78 -19.16
N PRO A 245 -23.65 1.75 -19.31
CA PRO A 245 -24.90 1.87 -20.05
C PRO A 245 -25.84 2.93 -19.48
N LEU A 246 -26.34 2.75 -18.26
CA LEU A 246 -27.30 3.69 -17.68
C LEU A 246 -26.75 5.10 -17.56
N SER A 247 -25.45 5.20 -17.32
CA SER A 247 -24.78 6.49 -17.27
C SER A 247 -24.95 7.22 -18.59
N ASN A 248 -24.64 6.52 -19.69
CA ASN A 248 -24.71 7.11 -21.03
C ASN A 248 -26.13 7.56 -21.39
N THR A 249 -27.11 6.73 -21.06
CA THR A 249 -28.51 7.09 -21.26
C THR A 249 -28.92 8.30 -20.42
N LYS A 250 -28.66 8.25 -19.11
CA LYS A 250 -29.04 9.35 -18.24
C LYS A 250 -28.32 10.66 -18.56
N LEU A 251 -27.09 10.58 -19.05
CA LEU A 251 -26.38 11.81 -19.42
C LEU A 251 -26.59 12.17 -20.90
N CYS A 252 -27.45 11.41 -21.57
CA CYS A 252 -27.86 11.72 -22.95
C CYS A 252 -26.79 11.44 -23.99
N VAL A 253 -25.78 10.66 -23.65
CA VAL A 253 -24.79 10.27 -24.63
C VAL A 253 -25.51 9.50 -25.73
N PHE A 254 -26.47 8.68 -25.33
CA PHE A 254 -27.37 8.02 -26.26
C PHE A 254 -28.80 8.43 -25.94
N ASP A 255 -29.59 8.66 -26.97
CA ASP A 255 -30.97 9.10 -26.79
C ASP A 255 -31.84 7.99 -26.22
N ASP A 256 -31.37 6.76 -26.35
CA ASP A 256 -32.11 5.60 -25.88
C ASP A 256 -31.16 4.44 -25.67
N MSE A 257 -31.52 3.50 -24.80
CA MSE A 257 -30.65 2.35 -24.58
C MSE A 257 -30.57 1.51 -25.84
O MSE A 257 -29.57 0.84 -26.09
CB MSE A 257 -31.13 1.50 -23.40
CG MSE A 257 -30.13 0.41 -23.00
SE MSE A 257 -28.44 1.14 -22.29
CE MSE A 257 -29.02 1.55 -20.46
N SER A 258 -31.63 1.55 -26.64
CA SER A 258 -31.67 0.82 -27.91
C SER A 258 -30.68 1.40 -28.92
N GLN A 259 -30.17 2.59 -28.65
CA GLN A 259 -29.16 3.24 -29.49
C GLN A 259 -27.73 2.85 -29.09
N HIS A 260 -27.58 2.13 -27.97
CA HIS A 260 -26.23 1.90 -27.44
C HIS A 260 -25.43 0.93 -28.29
N THR A 261 -24.13 1.22 -28.41
CA THR A 261 -23.26 0.51 -29.32
C THR A 261 -22.37 -0.49 -28.61
N ILE A 262 -22.69 -0.82 -27.37
CA ILE A 262 -21.81 -1.68 -26.58
C ILE A 262 -21.77 -3.12 -27.08
N LEU A 263 -22.92 -3.63 -27.51
CA LEU A 263 -22.98 -4.98 -28.03
C LEU A 263 -22.32 -5.00 -29.39
N ASP A 264 -22.60 -3.98 -30.20
CA ASP A 264 -21.94 -3.83 -31.49
C ASP A 264 -20.44 -3.95 -31.33
N MSE A 265 -19.90 -3.20 -30.38
CA MSE A 265 -18.47 -3.20 -30.08
C MSE A 265 -18.00 -4.59 -29.64
O MSE A 265 -16.96 -5.06 -30.07
CB MSE A 265 -18.14 -2.19 -29.00
CG MSE A 265 -18.14 -0.74 -29.46
SE MSE A 265 -17.38 0.45 -28.11
CE MSE A 265 -17.79 2.18 -28.93
N LEU A 266 -18.78 -5.22 -28.76
CA LEU A 266 -18.45 -6.55 -28.28
C LEU A 266 -18.31 -7.51 -29.45
N GLU A 267 -19.30 -7.49 -30.33
CA GLU A 267 -19.36 -8.39 -31.48
C GLU A 267 -18.22 -8.14 -32.47
N ARG A 268 -17.63 -6.95 -32.40
CA ARG A 268 -16.50 -6.62 -33.27
C ARG A 268 -15.17 -7.02 -32.65
N GLY A 269 -15.18 -7.32 -31.34
CA GLY A 269 -13.99 -7.77 -30.67
C GLY A 269 -13.38 -6.75 -29.72
N VAL A 270 -14.10 -5.67 -29.50
CA VAL A 270 -13.66 -4.66 -28.53
C VAL A 270 -13.90 -5.20 -27.12
N LYS A 271 -12.87 -5.14 -26.28
CA LYS A 271 -12.93 -5.71 -24.94
C LYS A 271 -13.75 -4.83 -24.02
N VAL A 272 -15.02 -4.65 -24.36
CA VAL A 272 -15.90 -3.80 -23.56
C VAL A 272 -16.39 -4.51 -22.30
N THR A 273 -16.62 -3.72 -21.25
CA THR A 273 -17.15 -4.23 -19.99
C THR A 273 -18.38 -3.44 -19.56
N VAL A 274 -19.06 -3.91 -18.51
CA VAL A 274 -20.25 -3.24 -18.02
C VAL A 274 -20.01 -2.74 -16.59
N ASN A 275 -20.37 -1.49 -16.34
CA ASN A 275 -20.16 -0.86 -15.04
C ASN A 275 -21.29 0.13 -14.76
N SER A 276 -21.52 0.46 -13.48
CA SER A 276 -22.62 1.36 -13.13
C SER A 276 -22.23 2.84 -13.05
N ASP A 277 -20.94 3.12 -12.84
CA ASP A 277 -20.43 4.51 -12.85
C ASP A 277 -20.82 5.36 -11.62
N ASP A 278 -22.05 5.85 -11.63
CA ASP A 278 -22.60 6.59 -10.50
C ASP A 278 -24.01 6.06 -10.22
N PRO A 279 -24.10 4.86 -9.62
CA PRO A 279 -25.33 4.07 -9.52
C PRO A 279 -26.41 4.75 -8.69
N ALA A 280 -26.03 5.54 -7.70
CA ALA A 280 -27.00 6.29 -6.90
C ALA A 280 -27.69 7.37 -7.74
N TYR A 281 -27.01 7.82 -8.79
CA TYR A 281 -27.52 8.90 -9.63
C TYR A 281 -28.20 8.39 -10.91
N PHE A 282 -27.86 7.19 -11.33
CA PHE A 282 -28.38 6.66 -12.58
C PHE A 282 -29.36 5.49 -12.39
N GLY A 283 -29.87 5.34 -11.18
CA GLY A 283 -30.90 4.35 -10.90
C GLY A 283 -30.51 2.90 -11.14
N GLY A 284 -29.29 2.53 -10.80
CA GLY A 284 -28.92 1.14 -10.94
C GLY A 284 -27.45 0.85 -10.77
N TYR A 285 -27.19 -0.30 -10.16
CA TYR A 285 -25.83 -0.79 -9.98
C TYR A 285 -25.44 -1.66 -11.16
N VAL A 286 -24.36 -2.42 -11.04
CA VAL A 286 -23.85 -3.13 -12.20
C VAL A 286 -24.86 -4.11 -12.81
N THR A 287 -25.60 -4.82 -11.96
CA THR A 287 -26.59 -5.80 -12.44
C THR A 287 -27.74 -5.13 -13.18
N GLU A 288 -28.17 -3.97 -12.72
CA GLU A 288 -29.17 -3.20 -13.42
C GLU A 288 -28.65 -2.75 -14.78
N ASN A 289 -27.34 -2.66 -14.93
CA ASN A 289 -26.77 -2.27 -16.20
C ASN A 289 -26.81 -3.42 -17.21
N PHE A 290 -26.42 -4.61 -16.77
CA PHE A 290 -26.48 -5.81 -17.59
C PHE A 290 -27.89 -6.03 -18.09
N HIS A 291 -28.85 -5.72 -17.23
CA HIS A 291 -30.26 -6.00 -17.47
C HIS A 291 -30.83 -5.07 -18.51
N ALA A 292 -30.52 -3.78 -18.39
CA ALA A 292 -30.95 -2.80 -19.37
C ALA A 292 -30.48 -3.23 -20.76
N LEU A 293 -29.28 -3.81 -20.82
CA LEU A 293 -28.74 -4.30 -22.07
C LEU A 293 -29.62 -5.39 -22.67
N GLN A 294 -30.05 -6.32 -21.81
CA GLN A 294 -30.87 -7.43 -22.25
C GLN A 294 -32.25 -6.96 -22.70
N GLN A 295 -32.83 -6.07 -21.92
CA GLN A 295 -34.18 -5.59 -22.20
C GLN A 295 -34.25 -4.73 -23.47
N SER A 296 -33.25 -3.88 -23.66
CA SER A 296 -33.31 -2.88 -24.73
C SER A 296 -32.52 -3.24 -25.98
N LEU A 297 -31.50 -4.08 -25.81
CA LEU A 297 -30.67 -4.52 -26.93
C LEU A 297 -30.70 -6.04 -27.12
N GLY A 298 -31.65 -6.69 -26.45
CA GLY A 298 -31.77 -8.14 -26.55
C GLY A 298 -30.46 -8.87 -26.37
N MSE A 299 -29.63 -8.37 -25.46
CA MSE A 299 -28.41 -9.07 -25.11
C MSE A 299 -28.76 -10.48 -24.68
O MSE A 299 -29.73 -10.70 -23.96
CB MSE A 299 -27.70 -8.33 -23.98
CG MSE A 299 -26.40 -8.96 -23.49
SE MSE A 299 -25.95 -8.24 -21.72
CE MSE A 299 -24.15 -8.92 -21.57
N THR A 300 -27.95 -11.45 -25.11
CA THR A 300 -28.16 -12.86 -24.78
C THR A 300 -27.31 -13.26 -23.58
N GLU A 301 -27.61 -14.42 -23.01
CA GLU A 301 -26.80 -14.96 -21.93
C GLU A 301 -25.37 -15.14 -22.43
N GLU A 302 -25.26 -15.36 -23.74
CA GLU A 302 -23.96 -15.54 -24.38
C GLU A 302 -23.11 -14.32 -24.12
N GLN A 303 -23.61 -13.18 -24.55
CA GLN A 303 -22.88 -11.93 -24.46
C GLN A 303 -22.78 -11.53 -23.00
N ALA A 304 -23.74 -11.95 -22.19
CA ALA A 304 -23.68 -11.72 -20.76
C ALA A 304 -22.42 -12.34 -20.18
N ARG A 305 -22.28 -13.65 -20.35
CA ARG A 305 -21.11 -14.34 -19.83
C ARG A 305 -19.84 -13.72 -20.36
N ARG A 306 -19.90 -13.24 -21.59
CA ARG A 306 -18.73 -12.69 -22.27
C ARG A 306 -18.31 -11.35 -21.65
N LEU A 307 -19.26 -10.43 -21.52
CA LEU A 307 -19.02 -9.15 -20.87
C LEU A 307 -18.50 -9.31 -19.44
N ALA A 308 -19.16 -10.15 -18.66
CA ALA A 308 -18.73 -10.42 -17.29
C ALA A 308 -17.33 -10.99 -17.24
N GLN A 309 -16.98 -11.84 -18.20
CA GLN A 309 -15.66 -12.43 -18.23
C GLN A 309 -14.60 -11.39 -18.58
N ASN A 310 -14.96 -10.46 -19.47
CA ASN A 310 -14.05 -9.39 -19.84
C ASN A 310 -13.66 -8.53 -18.65
N SER A 311 -14.64 -8.20 -17.80
CA SER A 311 -14.35 -7.43 -16.60
C SER A 311 -13.38 -8.18 -15.71
N LEU A 312 -13.46 -9.50 -15.66
CA LEU A 312 -12.48 -10.27 -14.89
C LEU A 312 -11.11 -10.21 -15.55
N ASP A 313 -11.08 -10.36 -16.87
CA ASP A 313 -9.84 -10.27 -17.63
C ASP A 313 -9.17 -8.91 -17.49
N ALA A 314 -9.98 -7.86 -17.40
CA ALA A 314 -9.47 -6.48 -17.48
C ALA A 314 -8.93 -5.96 -16.16
N ARG A 315 -9.07 -6.76 -15.10
CA ARG A 315 -8.52 -6.40 -13.80
C ARG A 315 -7.05 -6.00 -13.88
N LEU A 316 -6.65 -5.01 -13.10
CA LEU A 316 -5.24 -4.60 -13.05
C LEU A 316 -4.43 -5.38 -12.00
N TYR B 4 35.98 -12.09 0.73
CA TYR B 4 35.12 -10.94 1.02
C TYR B 4 34.38 -10.50 -0.22
N GLU B 5 35.13 -10.19 -1.28
CA GLU B 5 34.50 -9.87 -2.56
C GLU B 5 33.58 -11.00 -3.01
N TRP B 6 34.00 -12.24 -2.72
CA TRP B 6 33.18 -13.40 -3.04
C TRP B 6 31.86 -13.33 -2.27
N LEU B 7 31.96 -13.11 -0.96
CA LEU B 7 30.77 -12.97 -0.13
C LEU B 7 29.92 -11.80 -0.61
N ASN B 8 30.58 -10.66 -0.83
CA ASN B 8 29.91 -9.46 -1.29
C ASN B 8 29.19 -9.66 -2.63
N ALA B 9 29.63 -10.63 -3.42
CA ALA B 9 29.04 -10.85 -4.74
C ALA B 9 27.80 -11.73 -4.68
N LEU B 10 27.69 -12.53 -3.63
CA LEU B 10 26.48 -13.32 -3.37
C LEU B 10 25.23 -12.45 -3.27
N PRO B 11 24.19 -12.78 -4.06
CA PRO B 11 22.92 -12.05 -3.99
C PRO B 11 22.27 -12.31 -2.65
N LYS B 12 21.78 -11.26 -1.99
CA LYS B 12 21.28 -11.37 -0.61
C LYS B 12 19.98 -10.64 -0.40
N ALA B 13 19.19 -11.11 0.55
CA ALA B 13 18.04 -10.37 1.04
C ALA B 13 18.31 -10.02 2.49
N GLU B 14 18.13 -8.75 2.86
CA GLU B 14 18.22 -8.41 4.27
C GLU B 14 16.83 -8.34 4.89
N LEU B 15 16.61 -9.16 5.91
CA LEU B 15 15.29 -9.34 6.50
C LEU B 15 15.24 -8.90 7.96
N HIS B 16 16.37 -8.38 8.45
CA HIS B 16 16.46 -7.89 9.81
C HIS B 16 17.42 -6.70 9.86
N LEU B 17 16.89 -5.53 9.53
CA LEU B 17 17.66 -4.30 9.46
C LEU B 17 16.82 -3.13 9.96
N HIS B 18 17.35 -2.39 10.93
CA HIS B 18 16.66 -1.21 11.43
C HIS B 18 17.17 0.03 10.73
N LEU B 19 16.28 0.76 10.07
CA LEU B 19 16.67 1.97 9.35
C LEU B 19 17.37 2.95 10.29
N GLU B 20 16.88 3.05 11.52
CA GLU B 20 17.47 3.93 12.52
C GLU B 20 18.88 3.47 12.91
N GLY B 21 19.14 2.19 12.68
CA GLY B 21 20.43 1.59 13.02
C GLY B 21 21.44 1.70 11.90
N THR B 22 21.07 2.37 10.82
CA THR B 22 22.00 2.62 9.74
C THR B 22 22.50 4.07 9.76
N LEU B 23 22.10 4.81 10.78
CA LEU B 23 22.52 6.20 10.93
C LEU B 23 24.01 6.32 11.29
N GLU B 24 24.83 6.48 10.26
CA GLU B 24 26.26 6.65 10.42
C GLU B 24 26.56 7.96 11.12
N PRO B 25 27.59 7.96 11.99
CA PRO B 25 28.00 9.17 12.70
C PRO B 25 28.12 10.36 11.75
N GLU B 26 28.65 10.14 10.55
CA GLU B 26 28.82 11.23 9.60
C GLU B 26 27.48 11.84 9.20
N LEU B 27 26.52 10.99 8.87
CA LEU B 27 25.20 11.47 8.46
C LEU B 27 24.52 12.10 9.67
N LEU B 28 24.82 11.57 10.84
CA LEU B 28 24.24 12.12 12.07
C LEU B 28 24.73 13.55 12.29
N PHE B 29 26.03 13.78 12.13
CA PHE B 29 26.55 15.13 12.27
C PHE B 29 26.00 16.06 11.19
N ALA B 30 25.89 15.55 9.98
CA ALA B 30 25.36 16.34 8.87
C ALA B 30 23.88 16.70 9.07
N LEU B 31 23.07 15.74 9.49
CA LEU B 31 21.67 16.02 9.78
C LEU B 31 21.55 17.00 10.96
N ALA B 32 22.37 16.80 11.99
CA ALA B 32 22.41 17.74 13.11
C ALA B 32 22.69 19.16 12.61
N GLU B 33 23.72 19.31 11.76
CA GLU B 33 24.07 20.62 11.22
C GLU B 33 22.91 21.22 10.43
N ARG B 34 22.35 20.46 9.52
CA ARG B 34 21.22 20.91 8.73
C ARG B 34 20.07 21.33 9.64
N ASN B 35 19.89 20.61 10.74
CA ASN B 35 18.76 20.87 11.64
C ASN B 35 19.09 21.84 12.77
N ARG B 36 20.32 22.36 12.76
CA ARG B 36 20.74 23.36 13.74
C ARG B 36 20.66 22.79 15.16
N ILE B 37 20.91 21.49 15.26
CA ILE B 37 20.97 20.84 16.55
C ILE B 37 22.40 20.87 17.10
N ALA B 38 22.56 21.43 18.29
CA ALA B 38 23.83 21.34 18.99
C ALA B 38 23.93 19.97 19.64
N LEU B 39 24.84 19.15 19.14
CA LEU B 39 25.02 17.78 19.63
C LEU B 39 25.75 17.67 20.97
N PRO B 40 25.48 16.58 21.71
CA PRO B 40 26.19 16.27 22.97
C PRO B 40 27.59 15.74 22.70
N TRP B 41 27.88 15.41 21.44
CA TRP B 41 29.19 14.86 21.10
C TRP B 41 30.09 15.91 20.49
N ASN B 42 31.26 16.06 21.09
CA ASN B 42 32.24 17.02 20.63
C ASN B 42 32.50 16.92 19.12
N ASP B 43 32.95 15.75 18.68
CA ASP B 43 33.18 15.50 17.26
C ASP B 43 32.66 14.12 16.86
N VAL B 44 32.79 13.78 15.59
CA VAL B 44 32.35 12.47 15.12
C VAL B 44 33.22 11.35 15.66
N GLU B 45 34.50 11.65 15.89
CA GLU B 45 35.43 10.66 16.42
C GLU B 45 34.99 10.26 17.82
N THR B 46 34.53 11.26 18.57
CA THR B 46 34.08 11.05 19.93
C THR B 46 32.82 10.21 19.96
N LEU B 47 31.90 10.48 19.05
CA LEU B 47 30.69 9.69 18.95
C LEU B 47 31.07 8.22 18.69
N ARG B 48 31.96 7.99 17.74
CA ARG B 48 32.33 6.62 17.36
C ARG B 48 32.97 5.84 18.51
N LYS B 49 33.55 6.56 19.47
CA LYS B 49 34.09 5.91 20.64
C LYS B 49 32.99 5.49 21.62
N ALA B 50 31.78 5.99 21.41
CA ALA B 50 30.65 5.57 22.24
C ALA B 50 30.04 4.27 21.72
N TYR B 51 30.57 3.79 20.60
CA TYR B 51 30.03 2.59 19.95
C TYR B 51 30.59 1.31 20.56
N ALA B 52 30.47 1.19 21.88
CA ALA B 52 30.90 0.00 22.59
C ALA B 52 29.91 -0.27 23.72
N PHE B 53 29.39 -1.49 23.77
CA PHE B 53 28.20 -1.74 24.57
C PHE B 53 28.34 -2.91 25.52
N ASN B 54 27.81 -2.72 26.72
CA ASN B 54 27.77 -3.76 27.72
C ASN B 54 26.60 -4.72 27.49
N ASN B 55 25.52 -4.19 26.95
CA ASN B 55 24.30 -4.95 26.72
C ASN B 55 23.34 -4.16 25.86
N LEU B 56 22.17 -4.73 25.62
CA LEU B 56 21.14 -4.06 24.84
C LEU B 56 20.98 -2.62 25.32
N GLN B 57 20.66 -2.47 26.60
CA GLN B 57 20.28 -1.18 27.17
C GLN B 57 21.23 -0.06 26.81
N GLU B 58 22.52 -0.36 26.86
CA GLU B 58 23.53 0.66 26.64
C GLU B 58 23.49 1.14 25.18
N PHE B 59 23.27 0.19 24.29
CA PHE B 59 23.11 0.49 22.87
C PHE B 59 21.84 1.31 22.66
N LEU B 60 20.75 0.88 23.29
CA LEU B 60 19.46 1.56 23.12
C LEU B 60 19.52 3.03 23.52
N ASP B 61 20.29 3.33 24.56
CA ASP B 61 20.43 4.71 25.02
C ASP B 61 21.01 5.59 23.93
N LEU B 62 21.99 5.05 23.22
CA LEU B 62 22.69 5.79 22.19
C LEU B 62 21.85 5.79 20.92
N TYR B 63 21.20 4.66 20.65
CA TYR B 63 20.44 4.43 19.44
C TYR B 63 19.21 5.34 19.41
N TYR B 64 18.51 5.46 20.53
CA TYR B 64 17.35 6.35 20.64
C TYR B 64 17.75 7.83 20.65
N ALA B 65 18.86 8.14 21.31
CA ALA B 65 19.34 9.51 21.38
C ALA B 65 19.74 10.06 20.00
N GLY B 66 20.37 9.22 19.20
CA GLY B 66 20.75 9.59 17.84
C GLY B 66 19.57 9.95 16.96
N ALA B 67 18.40 9.40 17.27
CA ALA B 67 17.23 9.64 16.43
C ALA B 67 16.77 11.11 16.48
N ASP B 68 17.25 11.86 17.46
CA ASP B 68 16.97 13.30 17.56
C ASP B 68 17.25 14.07 16.24
N VAL B 69 18.25 13.65 15.47
CA VAL B 69 18.58 14.36 14.25
C VAL B 69 17.55 14.11 13.14
N LEU B 70 16.75 13.06 13.30
CA LEU B 70 15.78 12.69 12.27
C LEU B 70 14.46 13.41 12.48
N ARG B 71 14.29 14.51 11.75
CA ARG B 71 13.14 15.37 11.95
C ARG B 71 12.32 15.64 10.69
N THR B 72 13.01 15.86 9.59
CA THR B 72 12.37 16.22 8.33
C THR B 72 12.13 14.97 7.47
N GLU B 73 11.22 15.08 6.51
CA GLU B 73 11.02 14.03 5.52
C GLU B 73 12.32 13.77 4.78
N GLN B 74 13.03 14.84 4.40
CA GLN B 74 14.31 14.69 3.75
C GLN B 74 15.30 13.88 4.59
N ASP B 75 15.26 14.10 5.91
CA ASP B 75 16.10 13.38 6.85
C ASP B 75 15.88 11.87 6.71
N PHE B 76 14.61 11.48 6.72
CA PHE B 76 14.26 10.07 6.61
C PHE B 76 14.59 9.52 5.22
N TYR B 77 14.44 10.35 4.19
CA TYR B 77 14.86 9.97 2.85
C TYR B 77 16.39 9.74 2.79
N ASP B 78 17.16 10.70 3.31
CA ASP B 78 18.63 10.61 3.30
C ASP B 78 19.12 9.36 4.01
N LEU B 79 18.55 9.09 5.18
CA LEU B 79 18.89 7.90 5.95
C LEU B 79 18.62 6.63 5.16
N THR B 80 17.39 6.50 4.68
CA THR B 80 16.94 5.33 3.95
C THR B 80 17.67 5.13 2.62
N TRP B 81 17.84 6.23 1.89
CA TRP B 81 18.59 6.22 0.62
C TRP B 81 20.03 5.75 0.83
N ALA B 82 20.69 6.26 1.88
CA ALA B 82 22.06 5.85 2.15
C ALA B 82 22.18 4.34 2.43
N TYR B 83 21.21 3.78 3.15
CA TYR B 83 21.20 2.34 3.42
C TYR B 83 21.04 1.53 2.14
N LEU B 84 20.22 2.01 1.23
CA LEU B 84 19.98 1.33 -0.04
C LEU B 84 21.22 1.34 -0.93
N GLN B 85 21.95 2.44 -0.91
CA GLN B 85 23.20 2.50 -1.65
C GLN B 85 24.22 1.51 -1.10
N LYS B 86 24.17 1.27 0.19
CA LYS B 86 24.94 0.21 0.81
C LYS B 86 24.51 -1.17 0.29
N CYS B 87 23.21 -1.34 0.11
CA CYS B 87 22.68 -2.62 -0.33
C CYS B 87 23.08 -2.89 -1.77
N LYS B 88 23.05 -1.83 -2.57
CA LYS B 88 23.47 -1.92 -3.95
C LYS B 88 24.90 -2.43 -4.04
N ALA B 89 25.78 -1.89 -3.20
CA ALA B 89 27.19 -2.27 -3.23
C ALA B 89 27.44 -3.67 -2.67
N GLN B 90 26.58 -4.12 -1.77
CA GLN B 90 26.74 -5.45 -1.19
C GLN B 90 25.79 -6.48 -1.80
N ASN B 91 25.25 -6.16 -2.98
CA ASN B 91 24.36 -7.09 -3.68
C ASN B 91 23.16 -7.56 -2.87
N VAL B 92 22.72 -6.71 -1.94
CA VAL B 92 21.44 -6.91 -1.31
C VAL B 92 20.38 -6.47 -2.32
N VAL B 93 19.72 -7.46 -2.93
CA VAL B 93 18.73 -7.19 -3.98
C VAL B 93 17.33 -7.01 -3.40
N HIS B 94 17.15 -7.46 -2.16
CA HIS B 94 15.84 -7.40 -1.52
C HIS B 94 15.94 -6.99 -0.06
N VAL B 95 15.12 -6.02 0.33
CA VAL B 95 15.13 -5.55 1.71
C VAL B 95 13.72 -5.54 2.33
N GLU B 96 13.64 -5.96 3.59
CA GLU B 96 12.40 -5.83 4.35
C GLU B 96 12.76 -5.25 5.71
N PRO B 97 13.07 -3.94 5.75
CA PRO B 97 13.64 -3.22 6.89
C PRO B 97 12.57 -2.80 7.87
N PHE B 98 12.98 -2.64 9.13
CA PHE B 98 12.13 -2.13 10.19
C PHE B 98 12.25 -0.62 10.25
N PHE B 99 11.22 0.01 10.79
CA PHE B 99 11.35 1.36 11.34
C PHE B 99 10.53 1.42 12.62
N ASP B 100 10.82 2.37 13.49
CA ASP B 100 10.12 2.49 14.77
C ASP B 100 9.37 3.81 14.81
N PRO B 101 8.15 3.84 14.27
CA PRO B 101 7.36 5.08 14.26
C PRO B 101 7.38 5.83 15.61
N GLN B 102 7.11 5.11 16.69
CA GLN B 102 6.94 5.73 18.00
C GLN B 102 8.16 6.56 18.39
N THR B 103 9.35 6.05 18.08
CA THR B 103 10.59 6.74 18.39
C THR B 103 10.56 8.17 17.85
N HIS B 104 9.90 8.33 16.71
CA HIS B 104 9.88 9.63 16.05
C HIS B 104 8.60 10.38 16.38
N THR B 105 7.46 9.69 16.35
CA THR B 105 6.20 10.32 16.68
C THR B 105 6.18 10.85 18.10
N ASP B 106 6.82 10.13 19.03
CA ASP B 106 6.89 10.60 20.43
C ASP B 106 7.74 11.87 20.59
N ARG B 107 8.54 12.19 19.59
CA ARG B 107 9.34 13.40 19.62
C ARG B 107 8.62 14.54 18.91
N GLY B 108 7.42 14.27 18.41
CA GLY B 108 6.61 15.31 17.79
C GLY B 108 6.64 15.25 16.28
N ILE B 109 7.34 14.27 15.73
CA ILE B 109 7.44 14.14 14.28
C ILE B 109 6.21 13.44 13.74
N PRO B 110 5.55 14.07 12.76
CA PRO B 110 4.32 13.50 12.19
C PRO B 110 4.60 12.13 11.57
N PHE B 111 3.66 11.22 11.75
CA PHE B 111 3.79 9.85 11.25
C PHE B 111 4.03 9.90 9.74
N GLU B 112 3.23 10.73 9.07
CA GLU B 112 3.31 10.87 7.62
C GLU B 112 4.66 11.35 7.13
N VAL B 113 5.30 12.23 7.89
CA VAL B 113 6.63 12.71 7.52
C VAL B 113 7.62 11.54 7.49
N VAL B 114 7.61 10.74 8.55
CA VAL B 114 8.48 9.59 8.65
C VAL B 114 8.29 8.63 7.47
N LEU B 115 7.04 8.29 7.20
CA LEU B 115 6.72 7.37 6.12
C LEU B 115 7.03 7.94 4.73
N ALA B 116 6.71 9.21 4.52
CA ALA B 116 6.99 9.84 3.25
C ALA B 116 8.45 9.65 2.85
N GLY B 117 9.36 10.08 3.73
CA GLY B 117 10.76 10.03 3.42
C GLY B 117 11.25 8.62 3.12
N ILE B 118 10.81 7.67 3.95
CA ILE B 118 11.24 6.29 3.81
C ILE B 118 10.71 5.74 2.50
N ARG B 119 9.38 5.87 2.33
CA ARG B 119 8.68 5.36 1.16
C ARG B 119 9.29 5.89 -0.12
N ALA B 120 9.59 7.19 -0.13
CA ALA B 120 10.18 7.81 -1.31
C ALA B 120 11.51 7.16 -1.66
N ALA B 121 12.33 6.90 -0.65
CA ALA B 121 13.63 6.27 -0.89
C ALA B 121 13.49 4.83 -1.39
N LEU B 122 12.52 4.11 -0.84
CA LEU B 122 12.31 2.72 -1.27
C LEU B 122 11.91 2.65 -2.74
N ARG B 123 11.17 3.66 -3.19
CA ARG B 123 10.79 3.73 -4.60
C ARG B 123 12.03 3.91 -5.48
N ASP B 124 12.89 4.86 -5.11
CA ASP B 124 14.12 5.04 -5.87
C ASP B 124 14.90 3.74 -5.83
N GLY B 125 14.90 3.09 -4.67
CA GLY B 125 15.61 1.83 -4.51
C GLY B 125 15.14 0.81 -5.51
N GLU B 126 13.81 0.74 -5.69
CA GLU B 126 13.22 -0.20 -6.63
C GLU B 126 13.49 0.19 -8.08
N LYS B 127 13.11 1.41 -8.45
CA LYS B 127 13.19 1.79 -9.86
C LYS B 127 14.58 2.17 -10.34
N LEU B 128 15.44 2.61 -9.41
CA LEU B 128 16.82 2.99 -9.78
C LEU B 128 17.84 1.90 -9.50
N LEU B 129 17.66 1.17 -8.40
CA LEU B 129 18.67 0.20 -7.97
C LEU B 129 18.22 -1.22 -8.23
N GLY B 130 16.94 -1.40 -8.48
CA GLY B 130 16.39 -2.73 -8.70
C GLY B 130 16.28 -3.50 -7.41
N ILE B 131 16.20 -2.79 -6.29
CA ILE B 131 16.04 -3.44 -4.99
C ILE B 131 14.58 -3.48 -4.56
N ARG B 132 14.03 -4.68 -4.38
CA ARG B 132 12.65 -4.84 -3.92
C ARG B 132 12.57 -4.67 -2.42
N HIS B 133 11.41 -4.26 -1.94
CA HIS B 133 11.26 -3.90 -0.53
C HIS B 133 9.93 -4.34 0.08
N GLY B 134 9.93 -4.48 1.40
CA GLY B 134 8.72 -4.70 2.17
C GLY B 134 8.86 -4.04 3.53
N LEU B 135 8.37 -2.81 3.65
CA LEU B 135 8.52 -2.05 4.88
C LEU B 135 7.80 -2.72 6.06
N ILE B 136 8.53 -2.89 7.16
CA ILE B 136 7.97 -3.48 8.37
C ILE B 136 7.91 -2.46 9.50
N LEU B 137 6.69 -2.13 9.94
CA LEU B 137 6.47 -1.21 11.05
C LEU B 137 6.67 -1.93 12.37
N SER B 138 7.66 -1.49 13.14
CA SER B 138 7.97 -2.13 14.42
C SER B 138 7.42 -1.33 15.61
N PHE B 139 6.91 -2.05 16.62
CA PHE B 139 6.42 -1.45 17.85
C PHE B 139 7.53 -1.48 18.90
N LEU B 140 7.59 -0.45 19.74
CA LEU B 140 8.56 -0.41 20.84
C LEU B 140 8.03 -1.18 22.05
N ARG B 141 8.56 -2.39 22.27
CA ARG B 141 8.00 -3.31 23.26
C ARG B 141 8.12 -2.84 24.71
N HIS B 142 8.99 -1.88 24.99
CA HIS B 142 9.17 -1.42 26.36
C HIS B 142 8.13 -0.37 26.74
N LEU B 143 7.35 0.06 25.76
CA LEU B 143 6.19 0.93 26.03
C LEU B 143 4.93 0.08 26.21
N SER B 144 3.78 0.71 26.38
CA SER B 144 2.55 -0.06 26.62
C SER B 144 1.91 -0.54 25.32
N GLU B 145 1.12 -1.61 25.43
CA GLU B 145 0.33 -2.07 24.29
C GLU B 145 -0.53 -0.92 23.81
N GLU B 146 -1.02 -0.13 24.77
CA GLU B 146 -1.88 1.00 24.46
C GLU B 146 -1.18 2.00 23.53
N GLN B 147 0.10 2.28 23.79
CA GLN B 147 0.85 3.17 22.92
C GLN B 147 1.03 2.59 21.51
N ALA B 148 1.27 1.27 21.44
CA ALA B 148 1.34 0.55 20.16
C ALA B 148 0.00 0.55 19.41
N GLN B 149 -1.10 0.49 20.17
CA GLN B 149 -2.44 0.54 19.57
C GLN B 149 -2.66 1.90 18.90
N LYS B 150 -2.20 2.96 19.55
CA LYS B 150 -2.35 4.28 18.95
C LYS B 150 -1.54 4.33 17.67
N THR B 151 -0.41 3.63 17.65
CA THR B 151 0.46 3.60 16.48
C THR B 151 -0.16 2.77 15.36
N LEU B 152 -0.75 1.63 15.70
CA LEU B 152 -1.48 0.84 14.72
C LEU B 152 -2.59 1.66 14.05
N ASP B 153 -3.28 2.50 14.83
CA ASP B 153 -4.33 3.34 14.27
C ASP B 153 -3.80 4.40 13.32
N GLN B 154 -2.66 4.97 13.64
CA GLN B 154 -2.04 5.93 12.73
C GLN B 154 -1.65 5.25 11.41
N ALA B 155 -1.42 3.96 11.46
CA ALA B 155 -0.92 3.23 10.30
C ALA B 155 -2.03 2.62 9.44
N LEU B 156 -3.22 2.46 10.00
CA LEU B 156 -4.34 1.87 9.26
C LEU B 156 -4.52 2.48 7.87
N PRO B 157 -4.58 3.82 7.77
CA PRO B 157 -4.71 4.44 6.45
C PRO B 157 -3.49 4.17 5.57
N PHE B 158 -2.35 3.91 6.20
CA PHE B 158 -1.10 3.64 5.50
C PHE B 158 -0.83 2.15 5.34
N ARG B 159 -1.75 1.32 5.81
CA ARG B 159 -1.47 -0.10 5.92
C ARG B 159 -0.77 -0.70 4.68
N ASP B 160 -1.21 -0.33 3.48
CA ASP B 160 -0.63 -0.88 2.26
C ASP B 160 0.90 -0.65 2.13
N ALA B 161 1.42 0.34 2.84
CA ALA B 161 2.86 0.60 2.81
C ALA B 161 3.66 -0.42 3.63
N PHE B 162 2.97 -1.23 4.41
CA PHE B 162 3.64 -2.19 5.28
C PHE B 162 3.22 -3.63 4.96
N ILE B 163 4.18 -4.54 4.95
CA ILE B 163 3.86 -5.96 4.76
C ILE B 163 3.55 -6.61 6.09
N ALA B 164 4.05 -5.99 7.17
CA ALA B 164 4.04 -6.63 8.48
C ALA B 164 4.29 -5.63 9.61
N VAL B 165 3.86 -6.00 10.81
CA VAL B 165 4.27 -5.32 12.03
C VAL B 165 5.32 -6.19 12.72
N GLY B 166 6.20 -5.55 13.50
CA GLY B 166 7.24 -6.23 14.26
C GLY B 166 7.35 -5.74 15.71
N LEU B 167 8.30 -6.31 16.46
CA LEU B 167 8.46 -5.98 17.87
C LEU B 167 9.94 -5.90 18.27
N ASP B 168 10.41 -4.73 18.66
CA ASP B 168 11.80 -4.61 19.08
C ASP B 168 11.95 -3.83 20.38
N SER B 169 13.20 -3.43 20.67
CA SER B 169 13.58 -2.81 21.94
C SER B 169 13.85 -3.86 23.03
N SER B 170 13.85 -3.43 24.29
CA SER B 170 14.18 -4.30 25.43
C SER B 170 13.31 -5.55 25.50
N GLU B 171 13.92 -6.72 25.35
CA GLU B 171 13.15 -7.96 25.30
C GLU B 171 12.74 -8.51 26.69
N VAL B 172 13.69 -8.76 27.57
CA VAL B 172 13.35 -9.39 28.84
C VAL B 172 12.45 -8.49 29.69
N GLY B 173 11.36 -9.05 30.18
CA GLY B 173 10.39 -8.28 30.95
C GLY B 173 9.23 -7.75 30.12
N HIS B 174 9.40 -7.74 28.79
CA HIS B 174 8.35 -7.32 27.87
C HIS B 174 8.05 -8.44 26.88
N PRO B 175 7.32 -9.46 27.34
CA PRO B 175 7.06 -10.67 26.56
C PRO B 175 6.14 -10.33 25.39
N PRO B 176 6.09 -11.22 24.39
CA PRO B 176 5.19 -11.09 23.24
C PRO B 176 3.71 -11.04 23.62
N SER B 177 3.33 -11.74 24.69
CA SER B 177 1.95 -11.75 25.16
C SER B 177 1.46 -10.36 25.56
N LYS B 178 2.40 -9.47 25.83
CA LYS B 178 2.08 -8.09 26.18
C LYS B 178 1.39 -7.33 25.04
N PHE B 179 1.60 -7.79 23.81
CA PHE B 179 1.08 -7.10 22.64
C PHE B 179 0.23 -8.03 21.78
N GLN B 180 -0.38 -9.01 22.41
CA GLN B 180 -1.18 -9.96 21.67
C GLN B 180 -2.39 -9.34 20.97
N ARG B 181 -3.07 -8.40 21.64
CA ARG B 181 -4.29 -7.82 21.03
C ARG B 181 -3.94 -6.91 19.86
N VAL B 182 -2.91 -6.08 20.01
CA VAL B 182 -2.49 -5.22 18.91
C VAL B 182 -2.04 -6.06 17.71
N PHE B 183 -1.38 -7.18 17.98
CA PHE B 183 -0.97 -8.07 16.91
C PHE B 183 -2.16 -8.82 16.29
N ASP B 184 -3.06 -9.25 17.16
CA ASP B 184 -4.34 -9.78 16.70
C ASP B 184 -5.00 -8.76 15.80
N ARG B 185 -5.10 -7.53 16.28
CA ARG B 185 -5.74 -6.48 15.51
C ARG B 185 -5.04 -6.28 14.17
N ALA B 186 -3.71 -6.19 14.20
CA ALA B 186 -2.94 -5.98 12.98
C ALA B 186 -3.18 -7.08 11.95
N ARG B 187 -3.21 -8.34 12.39
CA ARG B 187 -3.53 -9.45 11.48
C ARG B 187 -4.96 -9.31 10.97
N SER B 188 -5.84 -8.82 11.82
CA SER B 188 -7.21 -8.63 11.41
C SER B 188 -7.26 -7.59 10.30
N GLU B 189 -6.48 -6.53 10.46
CA GLU B 189 -6.46 -5.43 9.52
C GLU B 189 -5.67 -5.71 8.24
N GLY B 190 -4.99 -6.85 8.18
CA GLY B 190 -4.29 -7.25 6.96
C GLY B 190 -2.77 -7.30 7.01
N PHE B 191 -2.17 -6.99 8.15
CA PHE B 191 -0.72 -7.08 8.30
C PHE B 191 -0.28 -8.52 8.60
N LEU B 192 0.86 -8.92 8.06
CA LEU B 192 1.57 -10.09 8.56
C LEU B 192 2.32 -9.66 9.83
N THR B 193 2.83 -10.64 10.59
CA THR B 193 3.58 -10.31 11.79
C THR B 193 4.96 -10.92 11.80
N VAL B 194 5.88 -10.23 12.49
CA VAL B 194 7.21 -10.75 12.83
C VAL B 194 7.59 -10.19 14.20
N ALA B 195 8.60 -10.78 14.84
CA ALA B 195 9.00 -10.30 16.15
C ALA B 195 10.41 -10.68 16.54
N HIS B 196 11.02 -9.88 17.40
CA HIS B 196 12.27 -10.25 18.03
C HIS B 196 11.87 -11.23 19.13
N ALA B 197 12.61 -12.32 19.23
CA ALA B 197 12.35 -13.28 20.29
C ALA B 197 13.57 -14.18 20.45
N GLY B 198 13.99 -14.39 21.69
CA GLY B 198 15.09 -15.29 21.95
C GLY B 198 16.44 -14.67 21.69
N GLU B 199 16.49 -13.35 21.71
CA GLU B 199 17.77 -12.66 21.69
C GLU B 199 18.33 -12.88 23.08
N GLU B 200 17.89 -12.06 24.02
CA GLU B 200 18.19 -12.25 25.43
C GLU B 200 16.97 -12.91 26.11
N GLY B 201 15.83 -12.84 25.45
CA GLY B 201 14.61 -13.44 25.94
C GLY B 201 14.67 -14.95 25.98
N PRO B 202 13.86 -15.58 26.84
CA PRO B 202 13.83 -17.05 26.97
C PRO B 202 13.11 -17.71 25.78
N PRO B 203 13.32 -19.02 25.60
CA PRO B 203 12.60 -19.76 24.54
C PRO B 203 11.08 -19.63 24.67
N GLU B 204 10.59 -19.47 25.89
CA GLU B 204 9.16 -19.30 26.11
C GLU B 204 8.63 -18.10 25.32
N TYR B 205 9.47 -17.08 25.18
CA TYR B 205 9.12 -15.90 24.40
C TYR B 205 8.99 -16.27 22.93
N ILE B 206 9.83 -17.18 22.47
CA ILE B 206 9.78 -17.60 21.08
C ILE B 206 8.48 -18.33 20.83
N TRP B 207 8.10 -19.21 21.76
CA TRP B 207 6.80 -19.89 21.69
C TRP B 207 5.64 -18.89 21.62
N GLU B 208 5.67 -17.89 22.49
CA GLU B 208 4.64 -16.85 22.47
C GLU B 208 4.61 -16.14 21.13
N ALA B 209 5.79 -15.74 20.65
CA ALA B 209 5.90 -15.10 19.35
C ALA B 209 5.24 -15.96 18.28
N LEU B 210 5.51 -17.26 18.32
CA LEU B 210 4.94 -18.18 17.35
C LEU B 210 3.43 -18.36 17.52
N ASP B 211 2.97 -18.51 18.75
CA ASP B 211 1.60 -18.95 18.98
C ASP B 211 0.62 -17.86 19.36
N LEU B 212 1.11 -16.86 20.10
CA LEU B 212 0.30 -15.70 20.48
C LEU B 212 0.36 -14.64 19.39
N LEU B 213 1.57 -14.36 18.93
CA LEU B 213 1.79 -13.33 17.91
C LEU B 213 1.68 -13.90 16.49
N LYS B 214 1.72 -15.23 16.39
CA LYS B 214 1.54 -15.93 15.11
C LYS B 214 2.36 -15.37 13.96
N VAL B 215 3.68 -15.33 14.15
CA VAL B 215 4.58 -14.66 13.23
C VAL B 215 4.98 -15.51 12.02
N GLU B 216 5.38 -14.85 10.93
CA GLU B 216 5.87 -15.56 9.76
C GLU B 216 7.34 -15.94 9.94
N ARG B 217 8.06 -15.15 10.74
CA ARG B 217 9.45 -15.48 11.07
C ARG B 217 9.86 -14.93 12.43
N ILE B 218 11.01 -15.42 12.92
CA ILE B 218 11.53 -15.02 14.21
C ILE B 218 12.77 -14.15 14.02
N ASP B 219 12.84 -13.05 14.76
CA ASP B 219 14.00 -12.18 14.70
C ASP B 219 14.95 -12.48 15.86
N HIS B 220 16.16 -12.90 15.51
CA HIS B 220 17.13 -13.49 16.44
C HIS B 220 16.84 -14.98 16.65
N GLY B 221 16.20 -15.31 17.76
CA GLY B 221 15.82 -16.69 18.04
C GLY B 221 17.00 -17.60 18.41
N VAL B 222 18.16 -17.02 18.64
CA VAL B 222 19.34 -17.82 18.94
C VAL B 222 19.15 -18.68 20.19
N ARG B 223 18.16 -18.34 21.00
CA ARG B 223 17.93 -19.04 22.26
C ARG B 223 16.92 -20.16 22.11
N ALA B 224 16.47 -20.40 20.89
CA ALA B 224 15.62 -21.55 20.62
C ALA B 224 16.46 -22.83 20.73
N PHE B 225 17.74 -22.64 21.03
CA PHE B 225 18.71 -23.73 20.95
C PHE B 225 18.71 -24.59 22.19
N GLU B 226 18.17 -24.05 23.27
CA GLU B 226 18.09 -24.75 24.53
C GLU B 226 16.89 -25.69 24.51
N ASP B 227 15.96 -25.42 23.59
CA ASP B 227 14.66 -26.07 23.63
C ASP B 227 14.51 -27.06 22.48
N GLU B 228 14.77 -28.33 22.77
CA GLU B 228 14.74 -29.39 21.77
C GLU B 228 13.44 -29.43 20.98
N ARG B 229 12.32 -29.44 21.69
CA ARG B 229 11.00 -29.47 21.07
C ARG B 229 10.81 -28.28 20.13
N LEU B 230 11.08 -27.08 20.64
CA LEU B 230 10.99 -25.86 19.84
C LEU B 230 11.87 -25.97 18.60
N MSE B 231 13.07 -26.49 18.79
CA MSE B 231 13.99 -26.63 17.69
C MSE B 231 13.37 -27.46 16.58
O MSE B 231 13.36 -27.05 15.42
CB MSE B 231 15.31 -27.26 18.16
CG MSE B 231 16.49 -26.87 17.30
SE MSE B 231 17.03 -24.99 17.48
CE MSE B 231 18.66 -25.12 16.42
N ARG B 232 12.83 -28.62 16.93
CA ARG B 232 12.23 -29.51 15.95
C ARG B 232 11.16 -28.79 15.15
N ARG B 233 10.32 -28.03 15.85
CA ARG B 233 9.25 -27.29 15.19
C ARG B 233 9.81 -26.28 14.18
N LEU B 234 10.69 -25.41 14.66
CA LEU B 234 11.40 -24.47 13.80
C LEU B 234 11.89 -25.15 12.52
N ILE B 235 12.42 -26.37 12.66
CA ILE B 235 12.94 -27.11 11.52
C ILE B 235 11.80 -27.70 10.68
N ASP B 236 10.89 -28.41 11.34
CA ASP B 236 9.79 -29.05 10.65
C ASP B 236 8.94 -28.05 9.85
N GLU B 237 8.74 -26.86 10.43
CA GLU B 237 7.93 -25.84 9.77
C GLU B 237 8.78 -24.92 8.89
N GLN B 238 10.09 -25.07 8.98
CA GLN B 238 11.03 -24.24 8.21
C GLN B 238 10.80 -22.75 8.44
N ILE B 239 10.55 -22.40 9.70
CA ILE B 239 10.32 -21.01 10.09
C ILE B 239 11.63 -20.23 10.08
N PRO B 240 11.67 -19.12 9.32
CA PRO B 240 12.92 -18.39 9.16
C PRO B 240 13.35 -17.66 10.43
N LEU B 241 14.63 -17.76 10.77
CA LEU B 241 15.21 -16.95 11.82
C LEU B 241 16.14 -15.93 11.19
N THR B 242 15.94 -14.66 11.52
CA THR B 242 16.85 -13.61 11.08
C THR B 242 17.94 -13.39 12.12
N VAL B 243 19.08 -14.05 11.92
CA VAL B 243 20.18 -13.99 12.87
C VAL B 243 21.10 -12.81 12.56
N CYS B 244 21.67 -12.24 13.61
CA CYS B 244 22.49 -11.04 13.50
C CYS B 244 23.80 -11.21 14.28
N PRO B 245 24.81 -11.79 13.62
CA PRO B 245 26.13 -12.11 14.19
C PRO B 245 26.86 -10.94 14.87
N LEU B 246 27.15 -9.84 14.15
CA LEU B 246 27.85 -8.70 14.78
C LEU B 246 27.04 -8.08 15.94
N SER B 247 25.73 -8.07 15.80
CA SER B 247 24.85 -7.61 16.86
C SER B 247 24.97 -8.51 18.10
N ASN B 248 24.71 -9.80 17.93
CA ASN B 248 24.82 -10.74 19.05
C ASN B 248 26.16 -10.60 19.78
N THR B 249 27.20 -10.28 19.02
CA THR B 249 28.52 -10.12 19.59
C THR B 249 28.69 -8.78 20.27
N LYS B 250 28.26 -7.72 19.58
CA LYS B 250 28.40 -6.36 20.11
C LYS B 250 27.59 -6.13 21.38
N LEU B 251 26.48 -6.86 21.50
CA LEU B 251 25.58 -6.69 22.65
C LEU B 251 25.86 -7.74 23.72
N CYS B 252 26.87 -8.57 23.46
CA CYS B 252 27.31 -9.57 24.43
C CYS B 252 26.28 -10.69 24.66
N VAL B 253 25.49 -10.98 23.64
CA VAL B 253 24.64 -12.17 23.66
C VAL B 253 25.53 -13.40 23.59
N PHE B 254 26.62 -13.28 22.84
CA PHE B 254 27.67 -14.29 22.82
C PHE B 254 28.99 -13.63 23.23
N ASP B 255 29.78 -14.33 24.02
CA ASP B 255 31.05 -13.82 24.53
C ASP B 255 32.05 -13.58 23.40
N ASP B 256 31.80 -14.22 22.25
CA ASP B 256 32.75 -14.19 21.15
C ASP B 256 32.11 -14.79 19.91
N MSE B 257 32.49 -14.31 18.73
CA MSE B 257 31.91 -14.84 17.49
C MSE B 257 32.09 -16.34 17.36
O MSE B 257 31.27 -17.03 16.74
CB MSE B 257 32.49 -14.14 16.26
CG MSE B 257 31.77 -14.50 14.98
SE MSE B 257 29.86 -14.00 15.07
CE MSE B 257 30.07 -12.05 15.06
N SER B 258 33.17 -16.87 17.95
CA SER B 258 33.45 -18.30 17.95
C SER B 258 32.33 -19.06 18.66
N GLN B 259 31.58 -18.35 19.49
CA GLN B 259 30.57 -18.98 20.33
C GLN B 259 29.20 -18.96 19.66
N HIS B 260 29.07 -18.22 18.56
CA HIS B 260 27.80 -18.11 17.87
C HIS B 260 27.33 -19.47 17.34
N THR B 261 26.03 -19.72 17.43
CA THR B 261 25.50 -21.03 17.11
C THR B 261 24.75 -21.02 15.79
N ILE B 262 25.04 -20.03 14.94
CA ILE B 262 24.36 -19.89 13.65
C ILE B 262 24.66 -21.03 12.67
N LEU B 263 25.91 -21.46 12.59
CA LEU B 263 26.26 -22.57 11.72
C LEU B 263 25.80 -23.91 12.31
N ASP B 264 25.89 -24.02 13.64
CA ASP B 264 25.30 -25.16 14.34
C ASP B 264 23.84 -25.31 13.94
N MSE B 265 23.13 -24.18 13.87
CA MSE B 265 21.71 -24.19 13.53
C MSE B 265 21.50 -24.50 12.06
O MSE B 265 20.65 -25.33 11.71
CB MSE B 265 21.06 -22.85 13.87
CG MSE B 265 20.75 -22.62 15.34
SE MSE B 265 19.49 -21.14 15.57
CE MSE B 265 19.33 -21.13 17.52
N LEU B 266 22.26 -23.83 11.19
CA LEU B 266 22.22 -24.13 9.77
C LEU B 266 22.33 -25.63 9.55
N GLU B 267 23.36 -26.22 10.17
CA GLU B 267 23.66 -27.63 9.99
C GLU B 267 22.56 -28.57 10.46
N ARG B 268 21.69 -28.11 11.37
CA ARG B 268 20.57 -28.93 11.81
C ARG B 268 19.30 -28.71 10.98
N GLY B 269 19.35 -27.78 10.05
CA GLY B 269 18.22 -27.55 9.16
C GLY B 269 17.31 -26.40 9.55
N VAL B 270 17.76 -25.55 10.47
CA VAL B 270 17.02 -24.32 10.77
C VAL B 270 17.20 -23.31 9.63
N LYS B 271 16.11 -22.70 9.22
CA LYS B 271 16.16 -21.70 8.16
C LYS B 271 16.76 -20.37 8.62
N VAL B 272 17.97 -20.41 9.17
CA VAL B 272 18.65 -19.21 9.63
C VAL B 272 19.18 -18.35 8.47
N THR B 273 19.19 -17.04 8.68
CA THR B 273 19.70 -16.09 7.69
C THR B 273 20.68 -15.12 8.35
N VAL B 274 21.42 -14.38 7.54
CA VAL B 274 22.41 -13.44 8.04
C VAL B 274 21.98 -12.00 7.80
N ASN B 275 22.01 -11.18 8.85
CA ASN B 275 21.63 -9.77 8.76
C ASN B 275 22.50 -8.85 9.63
N SER B 276 22.47 -7.56 9.33
CA SER B 276 23.31 -6.59 10.03
C SER B 276 22.65 -5.91 11.24
N ASP B 277 21.32 -6.04 11.36
CA ASP B 277 20.55 -5.45 12.48
C ASP B 277 20.66 -3.93 12.59
N ASP B 278 21.73 -3.43 13.21
CA ASP B 278 21.99 -2.01 13.35
C ASP B 278 23.41 -1.73 12.92
N PRO B 279 23.66 -1.79 11.60
CA PRO B 279 24.99 -1.84 10.97
C PRO B 279 25.89 -0.65 11.23
N ALA B 280 25.31 0.54 11.39
CA ALA B 280 26.11 1.70 11.73
C ALA B 280 26.62 1.58 13.16
N TYR B 281 25.94 0.76 13.95
CA TYR B 281 26.26 0.63 15.37
C TYR B 281 27.14 -0.58 15.70
N PHE B 282 27.11 -1.60 14.87
CA PHE B 282 27.79 -2.85 15.19
C PHE B 282 28.99 -3.11 14.32
N GLY B 283 29.38 -2.12 13.52
CA GLY B 283 30.64 -2.17 12.79
C GLY B 283 30.60 -2.95 11.49
N GLY B 284 29.44 -3.01 10.84
CA GLY B 284 29.34 -3.70 9.57
C GLY B 284 27.93 -3.95 9.10
N TYR B 285 27.80 -3.99 7.76
CA TYR B 285 26.55 -4.33 7.10
C TYR B 285 26.54 -5.82 6.78
N VAL B 286 25.60 -6.24 5.93
CA VAL B 286 25.36 -7.68 5.74
C VAL B 286 26.60 -8.50 5.33
N THR B 287 27.39 -7.98 4.40
CA THR B 287 28.57 -8.70 3.93
C THR B 287 29.59 -8.88 5.05
N GLU B 288 29.69 -7.89 5.92
CA GLU B 288 30.61 -7.97 7.06
C GLU B 288 30.19 -9.08 8.02
N ASN B 289 28.89 -9.26 8.20
CA ASN B 289 28.39 -10.32 9.06
C ASN B 289 28.76 -11.70 8.51
N PHE B 290 28.63 -11.90 7.21
CA PHE B 290 29.05 -13.15 6.58
C PHE B 290 30.52 -13.34 6.83
N HIS B 291 31.28 -12.25 6.71
CA HIS B 291 32.73 -12.33 6.76
C HIS B 291 33.17 -12.70 8.16
N ALA B 292 32.55 -12.09 9.16
CA ALA B 292 32.76 -12.47 10.54
C ALA B 292 32.55 -13.97 10.75
N LEU B 293 31.50 -14.51 10.14
CA LEU B 293 31.22 -15.95 10.22
C LEU B 293 32.34 -16.76 9.60
N GLN B 294 32.76 -16.37 8.40
CA GLN B 294 33.87 -17.04 7.74
C GLN B 294 35.13 -17.03 8.61
N GLN B 295 35.46 -15.87 9.18
CA GLN B 295 36.72 -15.70 9.90
C GLN B 295 36.76 -16.31 11.30
N SER B 296 35.63 -16.32 12.00
CA SER B 296 35.63 -16.75 13.39
C SER B 296 34.99 -18.12 13.62
N LEU B 297 34.06 -18.51 12.74
CA LEU B 297 33.41 -19.81 12.82
C LEU B 297 33.88 -20.78 11.74
N GLY B 298 34.68 -20.29 10.79
CA GLY B 298 35.14 -21.10 9.68
C GLY B 298 34.06 -21.52 8.71
N MSE B 299 33.21 -20.56 8.34
CA MSE B 299 32.10 -20.83 7.43
C MSE B 299 32.59 -21.18 6.02
O MSE B 299 33.41 -20.48 5.44
CB MSE B 299 31.17 -19.62 7.36
CG MSE B 299 29.98 -19.80 6.46
SE MSE B 299 29.08 -18.09 6.11
CE MSE B 299 30.59 -17.03 5.46
N THR B 300 32.08 -22.28 5.47
CA THR B 300 32.49 -22.70 4.12
C THR B 300 31.73 -21.91 3.04
N GLU B 301 32.32 -21.82 1.86
CA GLU B 301 31.65 -21.19 0.72
C GLU B 301 30.25 -21.79 0.54
N GLU B 302 30.11 -23.05 0.89
CA GLU B 302 28.85 -23.78 0.70
C GLU B 302 27.79 -23.38 1.73
N GLN B 303 28.22 -23.14 2.97
CA GLN B 303 27.32 -22.66 4.00
C GLN B 303 26.89 -21.22 3.72
N ALA B 304 27.79 -20.48 3.09
CA ALA B 304 27.50 -19.11 2.68
C ALA B 304 26.37 -19.12 1.67
N ARG B 305 26.55 -19.86 0.57
CA ARG B 305 25.54 -20.00 -0.47
C ARG B 305 24.18 -20.41 0.10
N ARG B 306 24.21 -21.28 1.10
CA ARG B 306 23.00 -21.81 1.71
C ARG B 306 22.28 -20.71 2.50
N LEU B 307 23.07 -19.95 3.26
CA LEU B 307 22.54 -18.84 4.05
C LEU B 307 21.94 -17.76 3.16
N ALA B 308 22.71 -17.33 2.16
CA ALA B 308 22.22 -16.35 1.20
C ALA B 308 20.91 -16.83 0.61
N GLN B 309 20.88 -18.08 0.20
CA GLN B 309 19.70 -18.65 -0.43
C GLN B 309 18.51 -18.66 0.52
N ASN B 310 18.78 -18.91 1.80
CA ASN B 310 17.73 -18.88 2.79
C ASN B 310 17.06 -17.52 2.84
N SER B 311 17.88 -16.47 2.76
CA SER B 311 17.35 -15.11 2.89
C SER B 311 16.42 -14.79 1.74
N LEU B 312 16.74 -15.28 0.54
CA LEU B 312 15.88 -15.13 -0.63
C LEU B 312 14.60 -15.99 -0.52
N ASP B 313 14.76 -17.23 -0.04
CA ASP B 313 13.60 -18.10 0.16
C ASP B 313 12.67 -17.56 1.24
N ALA B 314 13.25 -16.79 2.16
CA ALA B 314 12.53 -16.31 3.34
C ALA B 314 11.80 -14.98 3.13
N ARG B 315 11.89 -14.45 1.92
CA ARG B 315 11.20 -13.20 1.61
C ARG B 315 9.69 -13.31 1.84
N LEU B 316 9.08 -12.24 2.34
CA LEU B 316 7.63 -12.19 2.49
C LEU B 316 7.00 -11.51 1.28
N VAL B 317 7.83 -10.80 0.50
CA VAL B 317 7.39 -10.21 -0.75
C VAL B 317 8.52 -10.22 -1.78
ZN ZN C . -17.25 8.00 -14.66
ZN ZN D . 16.93 -5.94 15.85
#